data_6MY5
#
_entry.id   6MY5
#
_cell.length_a   81.599
_cell.length_b   65.530
_cell.length_c   92.560
_cell.angle_alpha   90.000
_cell.angle_beta   100.730
_cell.angle_gamma   90.000
#
_symmetry.space_group_name_H-M   'P 1 21 1'
#
loop_
_entity.id
_entity.type
_entity.pdbx_description
1 polymer 'anti-VEGF-A Fab fragment bH1 heavy chain'
2 polymer 'anti-VEGF-A Fab fragment bH1 light chain'
3 non-polymer 1,2-ETHANEDIOL
4 water water
#
loop_
_entity_poly.entity_id
_entity_poly.type
_entity_poly.pdbx_seq_one_letter_code
_entity_poly.pdbx_strand_id
1 'polypeptide(L)'
;EVQLVESGGGLVQPGGSLRLSCAASGFNIKDTWIHWVRQAPGKGLEWVARIYPTNGYTRYADSVKGRFTISADTSKNTAY
LQMNSLRAEDTAVYYCSRWGGFMFYAMDYWGQGTLVTVSSASTKGPSVFPLAPSSKSTSGGTAALGCLVKDYFPEPVTVS
WNSGALTSGVHTFPAVLQSSGLYSLSSVVTVPSSSLGTQTYICNVNHKPSNTKVDKKVEPKSCDKTGHHHHHHHHG
;
H,A
2 'polypeptide(L)'
;DIQMTQSPSSLSASVGDRVTITCRASQDIPRRISGYVAWYQQKPGKAPKLLIYWGSYLYSGVPSRFSGSGSGTDFTLTIS
SLQPEDFATYYCQQHYTTPPTFGQGTKVEIKRTVAAPSVFIFPPSDEQLKSGTASVVCLLNNFYPREAKVQWKVDNALQS
GNSQESVTEQDSKDSTYSLSSTLTLSKADYEKHKVYACEVTHQGLSSPVTKSFNRGEC
;
L,B
#
loop_
_chem_comp.id
_chem_comp.type
_chem_comp.name
_chem_comp.formula
EDO non-polymer 1,2-ETHANEDIOL 'C2 H6 O2'
#
# COMPACT_ATOMS: atom_id res chain seq x y z
N GLU A 1 8.40 -22.40 0.29
CA GLU A 1 7.34 -22.75 1.26
C GLU A 1 6.28 -21.66 1.55
N VAL A 2 6.37 -20.44 1.04
CA VAL A 2 5.13 -19.64 0.91
C VAL A 2 4.24 -20.37 -0.09
N GLN A 3 3.00 -20.58 0.29
CA GLN A 3 2.12 -21.30 -0.58
C GLN A 3 0.71 -20.89 -0.28
N LEU A 4 -0.13 -20.88 -1.32
CA LEU A 4 -1.54 -20.74 -1.25
C LEU A 4 -2.21 -21.85 -2.05
N VAL A 5 -3.22 -22.46 -1.47
CA VAL A 5 -3.94 -23.58 -2.01
C VAL A 5 -5.43 -23.35 -1.97
N GLU A 6 -6.05 -23.27 -3.15
CA GLU A 6 -7.49 -23.11 -3.26
C GLU A 6 -8.19 -24.45 -3.22
N SER A 7 -9.32 -24.47 -2.54
CA SER A 7 -10.21 -25.64 -2.59
C SER A 7 -11.67 -25.21 -2.64
N GLY A 8 -12.55 -26.19 -2.88
CA GLY A 8 -13.93 -25.94 -2.74
C GLY A 8 -14.61 -25.68 -4.07
N GLY A 9 -13.87 -25.74 -5.16
CA GLY A 9 -14.43 -25.39 -6.47
C GLY A 9 -15.10 -26.63 -7.08
N GLY A 10 -16.01 -26.41 -8.02
CA GLY A 10 -16.64 -27.56 -8.65
C GLY A 10 -17.87 -27.16 -9.38
N LEU A 11 -18.69 -28.15 -9.67
CA LEU A 11 -19.93 -27.94 -10.45
C LEU A 11 -21.05 -27.46 -9.51
N VAL A 12 -21.81 -26.47 -9.92
CA VAL A 12 -22.96 -26.01 -9.14
C VAL A 12 -24.04 -25.59 -10.11
N GLN A 13 -25.28 -25.77 -9.68
CA GLN A 13 -26.42 -25.35 -10.47
C GLN A 13 -26.60 -23.85 -10.47
N PRO A 14 -27.08 -23.30 -11.58
CA PRO A 14 -27.40 -21.84 -11.52
C PRO A 14 -28.28 -21.55 -10.31
N GLY A 15 -27.93 -20.46 -9.62
CA GLY A 15 -28.62 -19.92 -8.49
C GLY A 15 -28.11 -20.54 -7.21
N GLY A 16 -27.19 -21.47 -7.36
CA GLY A 16 -26.64 -22.21 -6.24
C GLY A 16 -25.58 -21.40 -5.52
N SER A 17 -25.08 -21.98 -4.44
CA SER A 17 -24.07 -21.36 -3.58
C SER A 17 -22.85 -22.32 -3.49
N LEU A 18 -21.65 -21.75 -3.38
CA LEU A 18 -20.44 -22.49 -3.21
C LEU A 18 -19.52 -21.63 -2.31
N ARG A 19 -18.73 -22.28 -1.43
CA ARG A 19 -17.70 -21.57 -0.67
C ARG A 19 -16.34 -22.04 -1.11
N LEU A 20 -15.50 -21.10 -1.62
CA LEU A 20 -14.09 -21.42 -1.93
C LEU A 20 -13.24 -21.11 -0.71
N SER A 21 -12.18 -21.88 -0.51
CA SER A 21 -11.19 -21.69 0.56
C SER A 21 -9.82 -21.45 -0.09
N CYS A 22 -9.01 -20.59 0.52
CA CYS A 22 -7.67 -20.31 0.14
C CYS A 22 -6.86 -20.52 1.43
N ALA A 23 -6.11 -21.63 1.50
CA ALA A 23 -5.28 -22.00 2.67
C ALA A 23 -3.84 -21.58 2.47
N ALA A 24 -3.37 -20.74 3.38
CA ALA A 24 -2.07 -20.17 3.25
C ALA A 24 -1.12 -20.96 4.12
N SER A 25 0.12 -21.08 3.70
CA SER A 25 1.17 -21.53 4.60
C SER A 25 2.47 -20.80 4.30
N GLY A 26 3.37 -20.85 5.27
CA GLY A 26 4.66 -20.18 5.12
C GLY A 26 4.62 -18.68 5.40
N PHE A 27 3.48 -18.14 5.77
CA PHE A 27 3.27 -16.72 6.08
C PHE A 27 1.94 -16.65 6.76
N ASN A 28 1.65 -15.53 7.42
CA ASN A 28 0.35 -15.33 8.06
C ASN A 28 -0.49 -14.37 7.26
N ILE A 29 -1.71 -14.76 6.94
CA ILE A 29 -2.61 -13.80 6.26
C ILE A 29 -2.90 -12.53 7.07
N LYS A 30 -2.78 -12.63 8.39
CA LYS A 30 -2.90 -11.48 9.24
C LYS A 30 -1.91 -10.41 8.87
N ASP A 31 -0.82 -10.75 8.19
CA ASP A 31 0.25 -9.79 7.92
C ASP A 31 0.10 -9.12 6.56
N THR A 32 -0.95 -9.53 5.81
CA THR A 32 -1.06 -9.02 4.49
C THR A 32 -2.48 -8.89 3.96
N TRP A 33 -2.57 -8.88 2.62
CA TRP A 33 -3.86 -8.76 1.91
C TRP A 33 -4.05 -9.98 1.05
N ILE A 34 -5.28 -10.49 1.01
CA ILE A 34 -5.60 -11.66 0.15
C ILE A 34 -6.62 -11.24 -0.92
N HIS A 35 -6.36 -11.70 -2.14
CA HIS A 35 -7.17 -11.37 -3.26
C HIS A 35 -7.73 -12.60 -3.95
N TRP A 36 -8.87 -12.45 -4.61
CA TRP A 36 -9.32 -13.44 -5.57
C TRP A 36 -9.34 -12.80 -6.98
N VAL A 37 -8.87 -13.55 -7.96
CA VAL A 37 -8.82 -13.22 -9.36
C VAL A 37 -9.42 -14.43 -10.11
N ARG A 38 -10.26 -14.18 -11.10
CA ARG A 38 -10.79 -15.33 -11.88
C ARG A 38 -10.55 -15.19 -13.40
N GLN A 39 -10.71 -16.31 -14.09
CA GLN A 39 -10.40 -16.40 -15.49
C GLN A 39 -11.36 -17.37 -16.16
N ALA A 40 -12.28 -16.82 -16.91
CA ALA A 40 -13.24 -17.66 -17.66
C ALA A 40 -12.50 -18.38 -18.74
N PRO A 41 -13.02 -19.54 -19.14
CA PRO A 41 -12.27 -20.40 -20.08
C PRO A 41 -11.92 -19.70 -21.38
N GLY A 42 -10.62 -19.68 -21.67
CA GLY A 42 -10.10 -19.00 -22.82
C GLY A 42 -10.12 -17.47 -22.76
N LYS A 43 -10.44 -16.86 -21.60
CA LYS A 43 -10.56 -15.40 -21.52
C LYS A 43 -9.40 -14.85 -20.71
N GLY A 44 -9.44 -13.56 -20.46
CA GLY A 44 -8.40 -12.87 -19.68
C GLY A 44 -8.65 -12.90 -18.20
N LEU A 45 -7.77 -12.22 -17.46
CA LEU A 45 -7.89 -12.19 -16.03
C LEU A 45 -8.90 -11.17 -15.55
N GLU A 46 -9.69 -11.51 -14.53
CA GLU A 46 -10.61 -10.57 -13.93
C GLU A 46 -10.49 -10.53 -12.41
N TRP A 47 -10.24 -9.34 -11.88
CA TRP A 47 -10.12 -9.21 -10.44
C TRP A 47 -11.47 -9.30 -9.77
N VAL A 48 -11.60 -10.07 -8.71
CA VAL A 48 -12.88 -10.27 -8.03
C VAL A 48 -13.06 -9.58 -6.64
N ALA A 49 -12.09 -9.74 -5.75
CA ALA A 49 -12.22 -9.18 -4.40
C ALA A 49 -10.91 -9.23 -3.66
N ARG A 50 -10.86 -8.39 -2.65
CA ARG A 50 -9.74 -8.38 -1.71
C ARG A 50 -10.13 -8.08 -0.31
N ILE A 51 -9.34 -8.61 0.60
CA ILE A 51 -9.58 -8.41 1.98
C ILE A 51 -8.29 -8.11 2.73
N TYR A 52 -8.39 -7.24 3.74
CA TYR A 52 -7.33 -7.04 4.70
C TYR A 52 -7.74 -7.66 6.01
N PRO A 53 -7.29 -8.98 6.28
CA PRO A 53 -7.91 -9.79 7.36
C PRO A 53 -7.86 -9.11 8.73
N THR A 54 -6.81 -8.33 8.97
CA THR A 54 -6.67 -7.67 10.26
C THR A 54 -7.87 -6.86 10.63
N ASN A 55 -8.38 -6.02 9.75
CA ASN A 55 -9.56 -5.21 10.13
C ASN A 55 -10.83 -5.53 9.38
N GLY A 56 -10.77 -6.48 8.46
CA GLY A 56 -11.97 -6.89 7.75
C GLY A 56 -12.37 -6.05 6.60
N TYR A 57 -11.56 -5.06 6.25
CA TYR A 57 -11.82 -4.30 5.07
C TYR A 57 -11.85 -5.13 3.78
N THR A 58 -12.93 -4.97 3.02
CA THR A 58 -13.11 -5.70 1.76
C THR A 58 -13.43 -4.75 0.62
N ARG A 59 -12.96 -5.10 -0.55
CA ARG A 59 -13.46 -4.49 -1.77
C ARG A 59 -13.83 -5.55 -2.81
N TYR A 60 -14.78 -5.17 -3.67
CA TYR A 60 -15.34 -6.11 -4.68
C TYR A 60 -15.44 -5.53 -6.07
N ALA A 61 -15.32 -6.38 -7.07
CA ALA A 61 -15.57 -5.94 -8.44
C ALA A 61 -17.11 -5.82 -8.54
N ASP A 62 -17.59 -4.86 -9.34
CA ASP A 62 -19.04 -4.63 -9.52
C ASP A 62 -19.80 -5.90 -9.96
N SER A 63 -19.16 -6.70 -10.79
CA SER A 63 -19.70 -8.00 -11.35
C SER A 63 -20.11 -9.03 -10.26
N VAL A 64 -19.57 -8.91 -9.04
CA VAL A 64 -19.96 -9.77 -7.95
C VAL A 64 -20.56 -9.16 -6.71
N LYS A 65 -20.65 -7.83 -6.64
CA LYS A 65 -21.28 -7.19 -5.46
C LYS A 65 -22.64 -7.70 -5.06
N GLY A 66 -22.85 -7.88 -3.76
CA GLY A 66 -24.13 -8.39 -3.23
C GLY A 66 -24.36 -9.88 -3.37
N ARG A 67 -23.49 -10.58 -4.14
CA ARG A 67 -23.59 -12.05 -4.33
C ARG A 67 -22.46 -12.81 -3.67
N PHE A 68 -21.25 -12.25 -3.75
CA PHE A 68 -20.06 -12.91 -3.20
C PHE A 68 -19.57 -12.12 -1.99
N THR A 69 -19.03 -12.84 -0.99
CA THR A 69 -18.42 -12.23 0.18
C THR A 69 -17.05 -12.83 0.39
N ILE A 70 -16.05 -11.98 0.54
CA ILE A 70 -14.72 -12.41 0.89
C ILE A 70 -14.58 -12.33 2.38
N SER A 71 -13.92 -13.32 3.00
CA SER A 71 -13.75 -13.30 4.45
C SER A 71 -12.50 -14.02 4.76
N ALA A 72 -12.17 -14.04 6.05
CA ALA A 72 -10.95 -14.71 6.49
C ALA A 72 -11.00 -15.13 7.94
N ASP A 73 -10.25 -16.16 8.24
CA ASP A 73 -10.13 -16.68 9.60
C ASP A 73 -8.64 -16.83 9.88
N THR A 74 -8.11 -15.87 10.59
CA THR A 74 -6.72 -15.80 10.88
C THR A 74 -6.28 -17.00 11.77
N SER A 75 -7.18 -17.52 12.58
CA SER A 75 -6.82 -18.69 13.37
C SER A 75 -6.58 -19.92 12.47
N LYS A 76 -7.24 -19.98 11.30
CA LYS A 76 -7.06 -21.08 10.37
C LYS A 76 -6.06 -20.74 9.24
N ASN A 77 -5.55 -19.52 9.25
CA ASN A 77 -4.75 -19.02 8.17
C ASN A 77 -5.40 -19.20 6.79
N THR A 78 -6.67 -18.97 6.72
CA THR A 78 -7.48 -19.29 5.52
C THR A 78 -8.42 -18.18 5.20
N ALA A 79 -8.51 -17.87 3.90
CA ALA A 79 -9.46 -16.93 3.41
C ALA A 79 -10.56 -17.63 2.63
N TYR A 80 -11.69 -16.97 2.43
CA TYR A 80 -12.89 -17.64 1.86
C TYR A 80 -13.49 -16.71 0.82
N LEU A 81 -14.12 -17.30 -0.18
CA LEU A 81 -14.99 -16.59 -1.09
C LEU A 81 -16.31 -17.34 -1.11
N GLN A 82 -17.32 -16.80 -0.41
CA GLN A 82 -18.65 -17.38 -0.40
C GLN A 82 -19.33 -16.83 -1.65
N MET A 83 -19.83 -17.69 -2.52
CA MET A 83 -20.43 -17.25 -3.77
C MET A 83 -21.90 -17.75 -3.79
N ASN A 84 -22.81 -16.80 -3.78
CA ASN A 84 -24.23 -17.07 -3.80
C ASN A 84 -24.81 -16.61 -5.16
N SER A 85 -26.00 -17.12 -5.49
CA SER A 85 -26.78 -16.67 -6.65
C SER A 85 -25.93 -16.83 -7.86
N LEU A 86 -25.30 -18.01 -7.98
CA LEU A 86 -24.33 -18.16 -9.05
C LEU A 86 -24.94 -18.19 -10.43
N ARG A 87 -24.21 -17.68 -11.42
CA ARG A 87 -24.64 -17.59 -12.79
C ARG A 87 -23.67 -18.27 -13.74
N ALA A 88 -24.11 -18.57 -14.97
CA ALA A 88 -23.24 -19.18 -15.96
C ALA A 88 -21.99 -18.35 -16.15
N GLU A 89 -22.14 -17.03 -16.12
CA GLU A 89 -21.04 -16.15 -16.41
C GLU A 89 -19.98 -16.18 -15.32
N ASP A 90 -20.29 -16.76 -14.16
CA ASP A 90 -19.34 -16.92 -13.09
C ASP A 90 -18.42 -18.16 -13.31
N THR A 91 -18.72 -18.99 -14.30
CA THR A 91 -17.80 -20.08 -14.71
C THR A 91 -16.38 -19.60 -14.98
N ALA A 92 -15.43 -20.06 -14.18
CA ALA A 92 -14.03 -19.65 -14.32
C ALA A 92 -13.12 -20.47 -13.46
N VAL A 93 -11.82 -20.39 -13.72
CA VAL A 93 -10.85 -20.78 -12.72
C VAL A 93 -10.67 -19.62 -11.73
N TYR A 94 -10.79 -19.93 -10.45
CA TYR A 94 -10.65 -18.90 -9.41
C TYR A 94 -9.27 -19.06 -8.72
N TYR A 95 -8.45 -18.01 -8.74
CA TYR A 95 -7.16 -17.98 -8.12
C TYR A 95 -7.16 -17.14 -6.90
N CYS A 96 -6.51 -17.60 -5.84
CA CYS A 96 -6.26 -16.65 -4.74
CA CYS A 96 -6.24 -16.74 -4.70
C CYS A 96 -4.80 -16.24 -4.82
N SER A 97 -4.54 -15.05 -4.36
CA SER A 97 -3.18 -14.49 -4.34
C SER A 97 -3.02 -13.56 -3.17
N ARG A 98 -1.79 -13.14 -2.94
CA ARG A 98 -1.48 -12.21 -1.84
C ARG A 98 -0.61 -11.10 -2.35
N TRP A 99 -0.47 -10.12 -1.48
CA TRP A 99 0.73 -9.26 -1.47
C TRP A 99 1.73 -9.73 -0.39
N GLY A 100 3.02 -9.50 -0.58
CA GLY A 100 4.00 -9.85 0.39
C GLY A 100 4.75 -8.64 0.94
N GLY A 101 5.42 -8.82 2.09
CA GLY A 101 6.27 -7.78 2.71
C GLY A 101 5.37 -6.60 2.96
N PHE A 102 5.80 -5.43 2.56
CA PHE A 102 4.81 -4.29 2.46
C PHE A 102 4.81 -3.79 1.00
N MET A 103 4.91 -4.75 0.08
CA MET A 103 5.01 -4.42 -1.31
C MET A 103 3.59 -4.41 -1.89
N PHE A 104 2.84 -3.30 -1.71
CA PHE A 104 1.50 -3.18 -2.28
C PHE A 104 1.52 -3.28 -3.84
N TYR A 105 0.38 -3.71 -4.34
CA TYR A 105 0.05 -3.68 -5.75
C TYR A 105 0.91 -4.63 -6.57
N ALA A 106 1.30 -5.77 -5.97
CA ALA A 106 2.06 -6.76 -6.70
C ALA A 106 1.69 -8.13 -6.20
N MET A 107 0.94 -8.90 -7.00
CA MET A 107 0.54 -10.24 -6.54
C MET A 107 1.70 -11.21 -6.75
N ASP A 108 2.43 -11.48 -5.68
CA ASP A 108 3.67 -12.19 -5.78
C ASP A 108 3.53 -13.70 -5.73
N TYR A 109 2.61 -14.20 -4.92
CA TYR A 109 2.31 -15.64 -4.82
C TYR A 109 0.82 -15.84 -5.09
N TRP A 110 0.55 -16.87 -5.87
CA TRP A 110 -0.80 -17.29 -6.31
C TRP A 110 -0.99 -18.78 -6.01
N GLY A 111 -2.22 -19.17 -5.73
CA GLY A 111 -2.59 -20.56 -5.79
C GLY A 111 -2.61 -21.12 -7.24
N GLN A 112 -2.84 -22.40 -7.34
CA GLN A 112 -2.90 -23.11 -8.60
C GLN A 112 -4.29 -22.93 -9.33
N GLY A 113 -5.26 -22.46 -8.58
CA GLY A 113 -6.61 -22.19 -9.06
C GLY A 113 -7.58 -23.31 -8.84
N THR A 114 -8.85 -22.98 -8.81
CA THR A 114 -9.89 -24.04 -8.69
C THR A 114 -11.00 -23.71 -9.67
N LEU A 115 -11.43 -24.69 -10.47
CA LEU A 115 -12.41 -24.44 -11.52
C LEU A 115 -13.83 -24.46 -10.92
N VAL A 116 -14.63 -23.43 -11.21
CA VAL A 116 -16.03 -23.38 -10.82
C VAL A 116 -16.84 -23.44 -12.12
N THR A 117 -17.74 -24.44 -12.23
CA THR A 117 -18.53 -24.58 -13.42
C THR A 117 -19.99 -24.42 -13.01
N VAL A 118 -20.64 -23.43 -13.57
CA VAL A 118 -22.05 -23.16 -13.27
C VAL A 118 -22.93 -23.67 -14.42
N SER A 119 -23.71 -24.74 -14.15
CA SER A 119 -24.41 -25.47 -15.20
C SER A 119 -25.47 -26.31 -14.59
N SER A 120 -26.56 -26.53 -15.32
CA SER A 120 -27.59 -27.48 -14.93
C SER A 120 -27.26 -28.95 -15.22
N ALA A 121 -26.25 -29.14 -16.09
CA ALA A 121 -25.77 -30.48 -16.41
C ALA A 121 -25.09 -31.17 -15.25
N SER A 122 -25.26 -32.49 -15.18
CA SER A 122 -24.78 -33.28 -14.06
C SER A 122 -23.37 -33.86 -14.25
N THR A 123 -22.69 -34.16 -13.15
CA THR A 123 -21.37 -34.79 -13.25
C THR A 123 -21.39 -36.16 -13.87
N LYS A 124 -20.37 -36.48 -14.68
CA LYS A 124 -20.30 -37.78 -15.29
C LYS A 124 -18.83 -38.11 -15.50
N GLY A 125 -18.41 -39.29 -15.03
CA GLY A 125 -17.04 -39.73 -15.24
C GLY A 125 -16.81 -40.35 -16.62
N PRO A 126 -15.55 -40.35 -17.04
CA PRO A 126 -15.22 -40.78 -18.40
C PRO A 126 -15.17 -42.25 -18.59
N SER A 127 -15.34 -42.71 -19.82
CA SER A 127 -14.89 -44.03 -20.22
C SER A 127 -13.50 -43.91 -20.82
N VAL A 128 -12.63 -44.89 -20.60
CA VAL A 128 -11.25 -44.75 -21.04
C VAL A 128 -10.99 -45.92 -22.00
N PHE A 129 -10.61 -45.59 -23.21
CA PHE A 129 -10.37 -46.57 -24.26
C PHE A 129 -8.94 -46.45 -24.74
N PRO A 130 -8.36 -47.59 -25.16
CA PRO A 130 -6.96 -47.58 -25.65
C PRO A 130 -6.82 -47.02 -27.09
N LEU A 131 -5.78 -46.28 -27.33
CA LEU A 131 -5.33 -45.91 -28.66
C LEU A 131 -4.07 -46.78 -28.81
N ALA A 132 -4.26 -47.94 -29.38
CA ALA A 132 -3.20 -49.00 -29.38
C ALA A 132 -2.04 -48.75 -30.34
N PRO A 133 -0.80 -48.95 -29.85
CA PRO A 133 0.31 -48.94 -30.80
C PRO A 133 0.30 -50.14 -31.71
N SER A 134 1.03 -49.98 -32.81
CA SER A 134 1.25 -51.12 -33.70
C SER A 134 2.66 -51.00 -34.26
N SER A 135 3.36 -52.12 -34.38
CA SER A 135 4.66 -52.14 -35.06
C SER A 135 4.55 -51.72 -36.55
N LYS A 136 3.36 -51.85 -37.12
CA LYS A 136 3.12 -51.40 -38.50
C LYS A 136 2.74 -49.93 -38.69
N SER A 137 2.64 -49.21 -37.54
CA SER A 137 2.36 -47.76 -37.49
C SER A 137 3.56 -47.03 -36.84
N THR A 138 4.63 -46.81 -37.61
CA THR A 138 5.75 -45.97 -37.19
C THR A 138 5.83 -44.72 -38.09
N SER A 139 6.10 -43.57 -37.48
CA SER A 139 6.28 -42.29 -38.20
C SER A 139 7.27 -41.41 -37.41
N GLY A 140 8.18 -40.68 -38.11
CA GLY A 140 9.22 -39.87 -37.48
C GLY A 140 10.19 -40.73 -36.65
N GLY A 141 10.22 -42.05 -36.90
CA GLY A 141 11.09 -43.01 -36.18
C GLY A 141 10.54 -43.63 -34.88
N THR A 142 9.27 -43.47 -34.58
CA THR A 142 8.77 -44.00 -33.31
C THR A 142 7.38 -44.56 -33.51
N ALA A 143 6.90 -45.19 -32.45
CA ALA A 143 5.55 -45.67 -32.41
C ALA A 143 4.78 -44.61 -31.58
N ALA A 144 3.48 -44.75 -31.59
CA ALA A 144 2.63 -43.91 -30.70
C ALA A 144 1.46 -44.68 -30.18
N LEU A 145 1.06 -44.30 -28.97
CA LEU A 145 -0.05 -44.92 -28.33
C LEU A 145 -0.72 -43.89 -27.43
N GLY A 146 -1.89 -44.25 -26.90
CA GLY A 146 -2.55 -43.28 -26.04
C GLY A 146 -3.79 -43.84 -25.40
N CYS A 147 -4.54 -42.95 -24.72
CA CYS A 147 -5.85 -43.25 -24.10
CA CYS A 147 -5.88 -43.29 -24.25
C CYS A 147 -6.87 -42.18 -24.57
N LEU A 148 -8.05 -42.62 -24.93
CA LEU A 148 -9.14 -41.72 -25.32
C LEU A 148 -10.01 -41.66 -24.08
N VAL A 149 -10.18 -40.51 -23.50
CA VAL A 149 -10.89 -40.28 -22.24
C VAL A 149 -12.20 -39.59 -22.66
N LYS A 150 -13.25 -40.37 -22.77
CA LYS A 150 -14.45 -39.95 -23.47
C LYS A 150 -15.65 -39.75 -22.56
N ASP A 151 -16.39 -38.69 -22.83
CA ASP A 151 -17.73 -38.50 -22.27
C ASP A 151 -17.77 -38.21 -20.78
N TYR A 152 -17.20 -37.10 -20.39
CA TYR A 152 -17.17 -36.66 -18.98
C TYR A 152 -17.68 -35.26 -18.85
N PHE A 153 -18.05 -34.88 -17.62
CA PHE A 153 -18.42 -33.54 -17.34
C PHE A 153 -18.38 -33.33 -15.82
N PRO A 154 -17.97 -32.17 -15.32
CA PRO A 154 -17.39 -31.03 -15.99
C PRO A 154 -15.89 -31.29 -16.16
N GLU A 155 -15.19 -30.31 -16.69
CA GLU A 155 -13.71 -30.28 -16.55
C GLU A 155 -13.33 -30.28 -15.06
N PRO A 156 -12.08 -30.63 -14.71
CA PRO A 156 -11.03 -31.12 -15.60
C PRO A 156 -10.83 -32.60 -15.33
N VAL A 157 -10.02 -33.21 -16.18
CA VAL A 157 -9.44 -34.51 -15.97
C VAL A 157 -7.94 -34.37 -15.99
N THR A 158 -7.28 -35.21 -15.22
CA THR A 158 -5.82 -35.32 -15.33
C THR A 158 -5.42 -36.70 -15.84
N VAL A 159 -4.35 -36.74 -16.63
CA VAL A 159 -3.84 -37.97 -17.13
C VAL A 159 -2.33 -37.99 -16.88
N SER A 160 -1.86 -39.08 -16.31
CA SER A 160 -0.41 -39.34 -16.19
C SER A 160 -0.17 -40.65 -16.86
N TRP A 161 1.11 -40.98 -17.09
CA TRP A 161 1.47 -42.27 -17.67
C TRP A 161 2.47 -43.03 -16.73
N ASN A 162 2.20 -44.31 -16.56
CA ASN A 162 3.05 -45.14 -15.67
C ASN A 162 3.30 -44.47 -14.34
N SER A 163 2.20 -44.05 -13.72
CA SER A 163 2.18 -43.34 -12.48
C SER A 163 3.17 -42.18 -12.35
N GLY A 164 3.43 -41.45 -13.42
CA GLY A 164 4.35 -40.29 -13.40
C GLY A 164 5.76 -40.64 -13.85
N ALA A 165 6.05 -41.93 -14.04
CA ALA A 165 7.34 -42.36 -14.51
C ALA A 165 7.56 -41.95 -15.97
N LEU A 166 6.47 -41.78 -16.75
CA LEU A 166 6.63 -41.54 -18.15
C LEU A 166 6.11 -40.12 -18.49
N THR A 167 7.01 -39.17 -18.78
CA THR A 167 6.63 -37.79 -19.05
C THR A 167 7.11 -37.31 -20.43
N SER A 168 8.24 -37.84 -20.89
CA SER A 168 8.78 -37.48 -22.18
C SER A 168 7.90 -37.90 -23.32
N GLY A 169 7.68 -36.98 -24.26
CA GLY A 169 6.88 -37.25 -25.42
C GLY A 169 5.36 -37.39 -25.19
N VAL A 170 4.91 -37.11 -23.99
CA VAL A 170 3.44 -37.14 -23.72
C VAL A 170 2.78 -35.85 -24.19
N HIS A 171 1.63 -35.95 -24.85
CA HIS A 171 0.73 -34.80 -25.08
C HIS A 171 -0.64 -35.15 -24.63
N THR A 172 -1.14 -34.43 -23.63
CA THR A 172 -2.52 -34.57 -23.25
C THR A 172 -3.29 -33.35 -23.89
N PHE A 173 -4.18 -33.66 -24.82
CA PHE A 173 -4.86 -32.62 -25.62
C PHE A 173 -5.84 -31.87 -24.74
N PRO A 174 -6.04 -30.61 -25.05
CA PRO A 174 -7.15 -29.87 -24.48
C PRO A 174 -8.46 -30.61 -24.78
N ALA A 175 -9.35 -30.64 -23.81
CA ALA A 175 -10.69 -31.24 -24.04
C ALA A 175 -11.46 -30.47 -25.08
N VAL A 176 -12.28 -31.18 -25.79
CA VAL A 176 -13.24 -30.56 -26.67
C VAL A 176 -14.63 -30.91 -26.19
N LEU A 177 -15.55 -29.96 -26.30
CA LEU A 177 -16.98 -30.23 -25.95
C LEU A 177 -17.72 -30.85 -27.12
N GLN A 178 -18.27 -32.04 -26.96
CA GLN A 178 -19.02 -32.70 -28.01
C GLN A 178 -20.45 -32.12 -28.17
N SER A 179 -21.13 -32.42 -29.29
CA SER A 179 -22.54 -32.03 -29.43
C SER A 179 -23.48 -32.61 -28.33
N SER A 180 -23.06 -33.70 -27.70
CA SER A 180 -23.78 -34.27 -26.54
C SER A 180 -23.71 -33.45 -25.26
N GLY A 181 -22.83 -32.45 -25.17
CA GLY A 181 -22.66 -31.65 -24.01
C GLY A 181 -21.65 -32.31 -23.06
N LEU A 182 -20.98 -33.35 -23.53
CA LEU A 182 -19.92 -33.97 -22.74
C LEU A 182 -18.58 -33.70 -23.36
N TYR A 183 -17.59 -33.61 -22.48
CA TYR A 183 -16.20 -33.48 -22.90
C TYR A 183 -15.55 -34.79 -23.31
N SER A 184 -14.54 -34.68 -24.17
CA SER A 184 -13.67 -35.78 -24.47
C SER A 184 -12.25 -35.27 -24.77
N LEU A 185 -11.23 -36.08 -24.44
CA LEU A 185 -9.85 -35.75 -24.81
C LEU A 185 -9.10 -37.01 -25.06
N SER A 186 -7.93 -36.88 -25.72
CA SER A 186 -6.98 -37.99 -25.84
C SER A 186 -5.69 -37.58 -25.20
N SER A 187 -4.98 -38.55 -24.61
CA SER A 187 -3.56 -38.34 -24.17
C SER A 187 -2.75 -39.36 -24.95
N VAL A 188 -1.68 -38.89 -25.56
CA VAL A 188 -0.88 -39.76 -26.38
C VAL A 188 0.59 -39.65 -25.99
N VAL A 189 1.35 -40.62 -26.43
CA VAL A 189 2.77 -40.64 -26.13
C VAL A 189 3.48 -41.35 -27.27
N THR A 190 4.63 -40.81 -27.64
CA THR A 190 5.47 -41.49 -28.66
C THR A 190 6.52 -42.30 -27.90
N VAL A 191 6.80 -43.48 -28.43
CA VAL A 191 7.73 -44.43 -27.78
C VAL A 191 8.46 -45.22 -28.85
N PRO A 192 9.55 -45.93 -28.46
CA PRO A 192 10.26 -46.75 -29.44
C PRO A 192 9.47 -47.91 -29.98
N SER A 193 9.58 -48.13 -31.29
CA SER A 193 8.99 -49.31 -31.92
C SER A 193 9.50 -50.62 -31.21
N SER A 194 10.76 -50.64 -30.73
CA SER A 194 11.32 -51.81 -29.93
C SER A 194 10.59 -52.08 -28.58
N SER A 195 10.15 -51.01 -27.90
CA SER A 195 9.43 -51.17 -26.63
C SER A 195 8.07 -51.89 -26.69
N LEU A 196 7.44 -52.01 -27.86
CA LEU A 196 6.06 -52.53 -27.93
C LEU A 196 5.94 -54.00 -27.58
N GLY A 197 4.84 -54.35 -26.93
CA GLY A 197 4.59 -55.73 -26.50
C GLY A 197 5.57 -56.23 -25.45
N THR A 198 6.53 -55.38 -25.05
CA THR A 198 7.45 -55.66 -23.96
C THR A 198 7.43 -54.61 -22.84
N GLN A 199 7.24 -53.35 -23.16
CA GLN A 199 7.18 -52.33 -22.11
C GLN A 199 5.68 -52.18 -21.73
N THR A 200 5.39 -52.11 -20.44
CA THR A 200 4.06 -51.77 -19.97
C THR A 200 3.78 -50.25 -20.05
N TYR A 201 2.61 -49.91 -20.62
CA TYR A 201 2.16 -48.52 -20.66
C TYR A 201 0.77 -48.48 -20.06
N ILE A 202 0.66 -47.66 -19.05
CA ILE A 202 -0.59 -47.51 -18.31
C ILE A 202 -0.92 -46.02 -18.22
N CYS A 203 -2.10 -45.65 -18.71
CA CYS A 203 -2.54 -44.26 -18.44
C CYS A 203 -3.39 -44.18 -17.24
N ASN A 204 -3.07 -43.26 -16.39
CA ASN A 204 -3.71 -43.03 -15.11
C ASN A 204 -4.63 -41.81 -15.23
N VAL A 205 -5.94 -42.04 -15.20
CA VAL A 205 -6.92 -40.98 -15.48
C VAL A 205 -7.62 -40.70 -14.18
N ASN A 206 -7.73 -39.44 -13.79
CA ASN A 206 -8.50 -39.05 -12.59
C ASN A 206 -9.45 -37.90 -12.95
N HIS A 207 -10.72 -38.17 -12.79
CA HIS A 207 -11.76 -37.19 -12.92
C HIS A 207 -12.34 -36.96 -11.50
N LYS A 208 -11.69 -36.06 -10.76
CA LYS A 208 -12.13 -35.76 -9.43
C LYS A 208 -13.57 -35.36 -9.24
N PRO A 209 -14.16 -34.55 -10.14
CA PRO A 209 -15.56 -34.23 -9.91
C PRO A 209 -16.52 -35.38 -9.81
N SER A 210 -16.22 -36.53 -10.44
CA SER A 210 -17.10 -37.68 -10.32
C SER A 210 -16.50 -38.81 -9.42
N ASN A 211 -15.37 -38.53 -8.80
CA ASN A 211 -14.57 -39.48 -8.08
C ASN A 211 -14.26 -40.67 -8.91
N THR A 212 -13.90 -40.46 -10.17
CA THR A 212 -13.61 -41.53 -11.14
C THR A 212 -12.11 -41.63 -11.41
N LYS A 213 -11.46 -42.74 -11.02
CA LYS A 213 -10.04 -43.02 -11.36
C LYS A 213 -9.98 -44.33 -12.13
N VAL A 214 -9.22 -44.35 -13.21
CA VAL A 214 -9.07 -45.49 -14.03
C VAL A 214 -7.59 -45.61 -14.38
N ASP A 215 -7.08 -46.82 -14.30
CA ASP A 215 -5.74 -47.16 -14.83
C ASP A 215 -5.95 -48.11 -15.99
N LYS A 216 -5.58 -47.69 -17.20
CA LYS A 216 -5.84 -48.43 -18.39
C LYS A 216 -4.53 -48.85 -19.02
N LYS A 217 -4.37 -50.14 -19.11
CA LYS A 217 -3.23 -50.69 -19.84
C LYS A 217 -3.45 -50.59 -21.30
N VAL A 218 -2.46 -50.08 -22.00
CA VAL A 218 -2.57 -49.89 -23.45
C VAL A 218 -1.43 -50.70 -24.13
N GLU A 219 -1.87 -51.62 -24.92
CA GLU A 219 -0.94 -52.53 -25.61
C GLU A 219 -1.35 -52.76 -27.02
N PRO A 220 -0.38 -53.25 -27.83
CA PRO A 220 -0.71 -53.69 -29.19
C PRO A 220 -1.84 -54.67 -29.21
N LYS A 221 -2.80 -54.45 -30.10
CA LYS A 221 -3.88 -55.39 -30.24
C LYS A 221 -3.32 -56.68 -30.86
N SER A 222 -3.88 -57.83 -30.49
CA SER A 222 -3.24 -59.11 -30.84
C SER A 222 -3.33 -59.46 -32.33
N ASP B 1 -14.82 3.52 -17.23
CA ASP B 1 -13.85 4.05 -16.25
C ASP B 1 -12.46 3.86 -16.83
N ILE B 2 -11.44 3.97 -15.99
CA ILE B 2 -10.06 3.81 -16.43
C ILE B 2 -9.78 2.31 -16.79
N GLN B 3 -9.16 2.10 -17.94
CA GLN B 3 -8.79 0.75 -18.44
C GLN B 3 -7.41 0.82 -19.00
N MET B 4 -6.75 -0.33 -19.17
CA MET B 4 -5.50 -0.39 -19.88
C MET B 4 -5.80 -1.05 -21.23
N THR B 5 -5.23 -0.46 -22.27
CA THR B 5 -5.26 -0.99 -23.63
C THR B 5 -3.90 -1.61 -23.97
N GLN B 6 -3.93 -2.90 -24.21
CA GLN B 6 -2.73 -3.64 -24.47
C GLN B 6 -2.53 -3.84 -26.00
N SER B 7 -1.31 -3.69 -26.49
CA SER B 7 -1.01 -4.00 -27.88
C SER B 7 0.40 -4.53 -28.05
N PRO B 8 0.63 -5.41 -29.05
CA PRO B 8 -0.38 -6.06 -29.88
C PRO B 8 -1.15 -7.11 -29.07
N SER B 9 -2.28 -7.57 -29.58
CA SER B 9 -2.98 -8.61 -28.87
C SER B 9 -2.25 -9.97 -29.07
N SER B 10 -1.50 -10.12 -30.15
CA SER B 10 -0.63 -11.27 -30.28
C SER B 10 0.57 -10.99 -31.17
N LEU B 11 1.62 -11.79 -31.04
CA LEU B 11 2.80 -11.72 -31.92
C LEU B 11 3.58 -13.02 -31.96
N SER B 12 4.36 -13.21 -33.04
CA SER B 12 5.32 -14.32 -33.05
C SER B 12 6.64 -13.72 -33.29
N ALA B 13 7.64 -14.29 -32.66
CA ALA B 13 9.02 -13.80 -32.81
C ALA B 13 10.01 -14.90 -32.67
N SER B 14 11.20 -14.77 -33.28
CA SER B 14 12.28 -15.80 -33.17
C SER B 14 13.05 -15.76 -31.88
N VAL B 15 13.64 -16.90 -31.53
CA VAL B 15 14.55 -17.01 -30.43
C VAL B 15 15.63 -15.93 -30.70
N GLY B 16 15.94 -15.17 -29.65
CA GLY B 16 17.00 -14.15 -29.70
C GLY B 16 16.43 -12.80 -30.03
N ASP B 17 15.20 -12.69 -30.49
CA ASP B 17 14.63 -11.40 -30.79
C ASP B 17 14.24 -10.58 -29.58
N ARG B 18 14.08 -9.28 -29.83
CA ARG B 18 13.64 -8.32 -28.84
C ARG B 18 12.15 -8.04 -29.06
N VAL B 19 11.37 -8.25 -28.00
CA VAL B 19 9.97 -8.08 -28.06
C VAL B 19 9.56 -6.97 -27.10
N THR B 20 8.63 -6.14 -27.53
CA THR B 20 8.12 -5.07 -26.72
C THR B 20 6.63 -5.13 -26.76
N ILE B 21 6.03 -5.06 -25.58
CA ILE B 21 4.62 -5.05 -25.45
C ILE B 21 4.28 -3.76 -24.75
N THR B 22 3.17 -3.15 -25.13
CA THR B 22 2.72 -1.86 -24.65
C THR B 22 1.36 -1.94 -23.94
N CYS B 23 1.18 -1.08 -22.97
CA CYS B 23 -0.04 -0.98 -22.20
CA CYS B 23 -0.09 -0.94 -22.29
C CYS B 23 -0.35 0.53 -22.08
N ARG B 24 -1.54 0.97 -22.44
CA ARG B 24 -1.89 2.40 -22.45
C ARG B 24 -3.12 2.67 -21.65
N ALA B 25 -3.05 3.59 -20.69
CA ALA B 25 -4.28 3.99 -19.99
C ALA B 25 -5.36 4.47 -20.98
N SER B 26 -6.62 4.27 -20.64
CA SER B 26 -7.72 4.52 -21.56
C SER B 26 -8.11 6.02 -21.59
N GLN B 27 -7.71 6.76 -20.56
CA GLN B 27 -8.01 8.19 -20.52
C GLN B 27 -6.87 8.97 -19.90
N ASP B 28 -7.09 10.27 -19.80
CA ASP B 28 -6.24 11.15 -19.02
C ASP B 28 -6.39 10.91 -17.49
N ILE B 29 -5.24 10.94 -16.83
CA ILE B 29 -5.26 10.78 -15.38
C ILE B 29 -4.59 11.99 -14.71
N PRO B 30 -5.23 12.54 -13.65
CA PRO B 30 -4.56 13.64 -12.99
C PRO B 30 -3.11 13.36 -12.69
N ARG B 31 -2.30 14.38 -12.88
CA ARG B 31 -0.88 14.25 -12.64
C ARG B 31 -0.57 13.77 -11.20
N ARG B 32 0.59 13.16 -11.04
CA ARG B 32 1.03 12.63 -9.75
C ARG B 32 0.18 11.48 -9.16
N ILE B 33 -0.83 10.97 -9.88
CA ILE B 33 -1.47 9.76 -9.37
C ILE B 33 -0.72 8.58 -9.93
N SER B 34 -0.21 7.69 -9.05
CA SER B 34 0.54 6.52 -9.46
C SER B 34 -0.42 5.38 -9.80
N GLY B 35 0.00 4.68 -10.85
CA GLY B 35 -0.69 3.49 -11.35
C GLY B 35 -0.04 2.20 -10.89
N TYR B 36 1.20 2.25 -10.38
CA TYR B 36 1.99 1.09 -9.95
C TYR B 36 1.76 -0.07 -10.88
N VAL B 37 2.12 0.13 -12.15
CA VAL B 37 1.85 -0.92 -13.13
C VAL B 37 2.71 -2.16 -12.91
N ALA B 38 2.05 -3.31 -13.01
CA ALA B 38 2.68 -4.59 -12.87
C ALA B 38 2.46 -5.39 -14.16
N TRP B 39 3.41 -6.26 -14.43
CA TRP B 39 3.35 -7.22 -15.52
C TRP B 39 3.43 -8.65 -15.04
N TYR B 40 2.54 -9.48 -15.60
CA TYR B 40 2.50 -10.89 -15.30
C TYR B 40 2.62 -11.72 -16.56
N GLN B 41 3.15 -12.91 -16.36
CA GLN B 41 3.29 -13.92 -17.38
C GLN B 41 2.42 -15.14 -17.04
N GLN B 42 1.61 -15.60 -17.97
CA GLN B 42 0.83 -16.80 -17.73
C GLN B 42 1.03 -17.91 -18.78
N LYS B 43 1.53 -19.04 -18.31
CA LYS B 43 1.68 -20.25 -19.16
C LYS B 43 0.43 -21.16 -19.03
N PRO B 44 0.19 -22.03 -20.04
CA PRO B 44 -0.97 -22.91 -20.02
C PRO B 44 -1.11 -23.76 -18.77
N GLY B 45 -2.31 -23.72 -18.23
CA GLY B 45 -2.62 -24.52 -17.08
C GLY B 45 -2.07 -23.98 -15.78
N LYS B 46 -1.41 -22.81 -15.83
CA LYS B 46 -0.73 -22.28 -14.64
C LYS B 46 -1.31 -20.93 -14.17
N ALA B 47 -1.10 -20.63 -12.92
CA ALA B 47 -1.36 -19.28 -12.44
C ALA B 47 -0.39 -18.27 -13.05
N PRO B 48 -0.84 -17.03 -13.21
CA PRO B 48 0.06 -15.93 -13.59
C PRO B 48 1.24 -15.85 -12.65
N LYS B 49 2.40 -15.49 -13.20
CA LYS B 49 3.64 -15.21 -12.45
C LYS B 49 4.02 -13.73 -12.57
N LEU B 50 4.41 -13.15 -11.45
CA LEU B 50 4.82 -11.76 -11.42
C LEU B 50 6.17 -11.60 -12.08
N LEU B 51 6.26 -10.63 -13.00
CA LEU B 51 7.54 -10.35 -13.65
C LEU B 51 8.11 -8.99 -13.17
N ILE B 52 7.23 -7.99 -13.21
CA ILE B 52 7.69 -6.59 -13.03
C ILE B 52 6.65 -5.95 -12.10
N TYR B 53 7.08 -5.14 -11.13
CA TYR B 53 6.15 -4.38 -10.32
C TYR B 53 6.59 -2.93 -10.20
N TRP B 54 5.63 -2.08 -9.88
CA TRP B 54 5.81 -0.62 -9.75
C TRP B 54 6.47 -0.05 -10.98
N GLY B 55 6.00 -0.47 -12.16
CA GLY B 55 6.51 0.05 -13.42
C GLY B 55 7.77 -0.57 -13.93
N SER B 56 8.83 -0.66 -13.12
CA SER B 56 10.12 -1.03 -13.59
C SER B 56 10.94 -1.93 -12.69
N TYR B 57 10.40 -2.38 -11.56
CA TYR B 57 11.17 -3.23 -10.67
C TYR B 57 11.03 -4.70 -11.07
N LEU B 58 12.15 -5.38 -11.28
CA LEU B 58 12.21 -6.78 -11.58
C LEU B 58 11.96 -7.59 -10.34
N TYR B 59 10.94 -8.42 -10.41
CA TYR B 59 10.66 -9.29 -9.27
C TYR B 59 11.76 -10.37 -9.10
N SER B 60 12.08 -10.62 -7.86
CA SER B 60 13.07 -11.61 -7.46
C SER B 60 12.98 -12.98 -8.13
N GLY B 61 14.06 -13.38 -8.79
CA GLY B 61 14.20 -14.65 -9.49
C GLY B 61 13.75 -14.62 -10.94
N VAL B 62 13.28 -13.47 -11.40
CA VAL B 62 12.86 -13.32 -12.79
C VAL B 62 14.09 -13.05 -13.60
N PRO B 63 14.19 -13.67 -14.77
CA PRO B 63 15.39 -13.47 -15.60
C PRO B 63 15.58 -12.02 -15.99
N SER B 64 16.85 -11.57 -16.02
CA SER B 64 17.17 -10.19 -16.42
C SER B 64 16.79 -9.80 -17.82
N ARG B 65 16.52 -10.77 -18.69
CA ARG B 65 16.00 -10.39 -20.01
C ARG B 65 14.64 -9.65 -20.02
N PHE B 66 13.86 -9.67 -18.91
CA PHE B 66 12.59 -8.90 -18.84
C PHE B 66 12.83 -7.55 -18.20
N SER B 67 12.25 -6.47 -18.74
CA SER B 67 12.32 -5.16 -18.09
C SER B 67 11.08 -4.43 -18.37
N GLY B 68 10.72 -3.52 -17.46
CA GLY B 68 9.63 -2.63 -17.68
C GLY B 68 10.04 -1.17 -17.65
N SER B 69 9.26 -0.35 -18.32
CA SER B 69 9.47 1.08 -18.35
C SER B 69 8.15 1.76 -18.49
N GLY B 70 8.10 3.06 -18.20
CA GLY B 70 6.85 3.78 -18.24
C GLY B 70 7.13 5.26 -18.49
N SER B 71 6.22 5.92 -19.19
CA SER B 71 6.29 7.38 -19.38
C SER B 71 4.91 7.94 -19.59
N GLY B 72 4.50 8.78 -18.64
CA GLY B 72 3.14 9.29 -18.59
C GLY B 72 2.14 8.17 -18.36
N THR B 73 1.39 7.86 -19.42
CA THR B 73 0.25 6.99 -19.41
C THR B 73 0.52 5.65 -20.19
N ASP B 74 1.79 5.46 -20.58
CA ASP B 74 2.28 4.40 -21.45
C ASP B 74 3.35 3.55 -20.78
N PHE B 75 3.12 2.25 -20.74
CA PHE B 75 4.05 1.33 -20.11
C PHE B 75 4.47 0.25 -21.11
N THR B 76 5.69 -0.20 -20.99
CA THR B 76 6.22 -1.18 -21.86
C THR B 76 6.84 -2.28 -21.08
N LEU B 77 6.54 -3.49 -21.50
CA LEU B 77 7.36 -4.64 -21.11
C LEU B 77 8.31 -5.02 -22.24
N THR B 78 9.54 -5.28 -21.91
CA THR B 78 10.50 -5.61 -22.92
C THR B 78 11.17 -6.90 -22.58
N ILE B 79 11.13 -7.84 -23.55
CA ILE B 79 11.94 -9.04 -23.46
C ILE B 79 13.12 -8.90 -24.39
N SER B 80 14.35 -8.87 -23.86
CA SER B 80 15.45 -8.39 -24.71
C SER B 80 15.94 -9.48 -25.66
N SER B 81 15.90 -10.72 -25.16
CA SER B 81 16.35 -11.89 -25.92
C SER B 81 15.39 -13.13 -25.77
N LEU B 82 14.38 -13.16 -26.61
CA LEU B 82 13.30 -14.17 -26.55
C LEU B 82 13.78 -15.63 -26.49
N GLN B 83 13.34 -16.36 -25.47
CA GLN B 83 13.68 -17.79 -25.32
C GLN B 83 12.45 -18.72 -25.55
N PRO B 84 12.68 -19.97 -25.93
CA PRO B 84 11.48 -20.82 -26.22
C PRO B 84 10.54 -20.95 -24.99
N GLU B 85 11.11 -20.93 -23.81
CA GLU B 85 10.28 -21.00 -22.60
C GLU B 85 9.45 -19.71 -22.40
N ASP B 86 9.62 -18.66 -23.20
CA ASP B 86 8.86 -17.43 -22.98
C ASP B 86 7.50 -17.40 -23.70
N PHE B 87 7.14 -18.50 -24.40
CA PHE B 87 5.77 -18.66 -24.86
C PHE B 87 4.80 -18.54 -23.67
N ALA B 88 3.82 -17.67 -23.81
CA ALA B 88 2.94 -17.25 -22.70
C ALA B 88 1.99 -16.15 -23.13
N THR B 89 1.01 -15.86 -22.29
CA THR B 89 0.21 -14.68 -22.42
C THR B 89 0.67 -13.70 -21.31
N TYR B 90 0.96 -12.46 -21.72
CA TYR B 90 1.49 -11.42 -20.82
C TYR B 90 0.38 -10.40 -20.57
N TYR B 91 0.21 -10.01 -19.29
CA TYR B 91 -0.83 -9.10 -18.91
C TYR B 91 -0.22 -7.91 -18.09
N CYS B 92 -0.68 -6.69 -18.36
CA CYS B 92 -0.35 -5.59 -17.47
C CYS B 92 -1.46 -5.41 -16.51
N GLN B 93 -1.19 -4.68 -15.45
CA GLN B 93 -2.21 -4.39 -14.49
C GLN B 93 -1.99 -2.99 -13.94
N GLN B 94 -3.06 -2.26 -13.80
CA GLN B 94 -3.04 -0.89 -13.28
C GLN B 94 -3.75 -0.75 -11.96
N HIS B 95 -3.20 0.08 -11.11
CA HIS B 95 -3.73 0.39 -9.80
C HIS B 95 -4.02 1.89 -9.55
N TYR B 96 -4.23 2.66 -10.59
CA TYR B 96 -4.97 3.91 -10.42
C TYR B 96 -6.27 3.74 -9.67
N THR B 97 -7.09 2.77 -10.08
CA THR B 97 -8.39 2.57 -9.57
C THR B 97 -8.34 1.46 -8.57
N THR B 98 -9.30 1.49 -7.68
CA THR B 98 -9.62 0.36 -6.84
C THR B 98 -11.07 0.08 -7.18
N PRO B 99 -11.37 -1.07 -7.76
CA PRO B 99 -10.48 -2.19 -8.06
C PRO B 99 -9.47 -1.91 -9.15
N PRO B 100 -8.33 -2.58 -9.11
CA PRO B 100 -7.38 -2.46 -10.16
C PRO B 100 -7.89 -3.27 -11.35
N THR B 101 -7.30 -3.04 -12.53
CA THR B 101 -7.73 -3.78 -13.78
C THR B 101 -6.56 -4.30 -14.57
N PHE B 102 -6.83 -5.36 -15.36
CA PHE B 102 -5.82 -5.93 -16.18
C PHE B 102 -6.03 -5.53 -17.62
N GLY B 103 -4.92 -5.41 -18.33
CA GLY B 103 -4.89 -5.36 -19.76
C GLY B 103 -5.54 -6.63 -20.33
N GLN B 104 -5.89 -6.59 -21.61
CA GLN B 104 -6.59 -7.76 -22.16
C GLN B 104 -5.64 -8.91 -22.53
N GLY B 105 -4.34 -8.68 -22.45
CA GLY B 105 -3.35 -9.71 -22.71
C GLY B 105 -2.69 -9.70 -24.07
N THR B 106 -1.45 -10.20 -24.13
CA THR B 106 -0.69 -10.35 -25.37
C THR B 106 -0.15 -11.77 -25.45
N LYS B 107 -0.62 -12.52 -26.44
CA LYS B 107 -0.11 -13.85 -26.67
C LYS B 107 1.18 -13.83 -27.47
N VAL B 108 2.26 -14.36 -26.90
CA VAL B 108 3.55 -14.45 -27.54
C VAL B 108 3.83 -15.89 -27.94
N GLU B 109 4.12 -16.09 -29.24
CA GLU B 109 4.41 -17.35 -29.85
C GLU B 109 5.85 -17.31 -30.34
N ILE B 110 6.56 -18.42 -30.19
CA ILE B 110 7.93 -18.52 -30.65
C ILE B 110 7.86 -18.99 -32.14
N LYS B 111 8.50 -18.23 -33.03
CA LYS B 111 8.76 -18.68 -34.43
C LYS B 111 9.96 -19.56 -34.48
N ARG B 112 9.85 -20.69 -35.17
CA ARG B 112 10.95 -21.58 -35.32
C ARG B 112 10.89 -22.14 -36.77
N THR B 113 11.85 -22.99 -37.11
CA THR B 113 11.91 -23.58 -38.46
C THR B 113 10.71 -24.48 -38.67
N VAL B 114 10.33 -24.61 -39.92
CA VAL B 114 9.30 -25.54 -40.31
C VAL B 114 9.61 -26.95 -39.84
N ALA B 115 8.59 -27.64 -39.26
CA ALA B 115 8.75 -29.07 -38.91
C ALA B 115 7.49 -29.79 -39.30
N ALA B 116 7.63 -30.83 -40.10
CA ALA B 116 6.46 -31.61 -40.58
C ALA B 116 5.96 -32.45 -39.48
N PRO B 117 4.64 -32.65 -39.40
CA PRO B 117 4.13 -33.66 -38.42
C PRO B 117 4.46 -35.14 -38.74
N SER B 118 4.74 -35.94 -37.70
CA SER B 118 4.54 -37.36 -37.75
C SER B 118 3.07 -37.65 -37.65
N VAL B 119 2.58 -38.63 -38.37
CA VAL B 119 1.10 -38.86 -38.44
C VAL B 119 0.81 -40.26 -38.07
N PHE B 120 -0.18 -40.46 -37.18
CA PHE B 120 -0.64 -41.79 -36.78
C PHE B 120 -2.16 -41.87 -36.84
N ILE B 121 -2.70 -43.02 -37.29
CA ILE B 121 -4.15 -43.27 -37.18
C ILE B 121 -4.47 -44.42 -36.24
N PHE B 122 -5.51 -44.25 -35.39
CA PHE B 122 -5.89 -45.25 -34.46
C PHE B 122 -7.33 -45.69 -34.74
N PRO B 123 -7.59 -46.99 -34.94
CA PRO B 123 -8.94 -47.50 -35.01
C PRO B 123 -9.68 -47.45 -33.67
N PRO B 124 -10.98 -47.59 -33.67
CA PRO B 124 -11.71 -47.73 -32.41
C PRO B 124 -11.38 -49.09 -31.76
N SER B 125 -11.41 -49.08 -30.41
CA SER B 125 -11.31 -50.30 -29.58
C SER B 125 -12.54 -51.18 -29.70
N ASP B 126 -12.37 -52.51 -29.59
CA ASP B 126 -13.51 -53.39 -29.51
C ASP B 126 -14.34 -53.03 -28.29
N GLU B 127 -13.68 -52.58 -27.23
CA GLU B 127 -14.42 -52.22 -26.01
C GLU B 127 -15.44 -51.06 -26.27
N GLN B 128 -14.99 -50.01 -26.96
CA GLN B 128 -15.86 -48.95 -27.27
C GLN B 128 -17.00 -49.36 -28.19
N LEU B 129 -16.71 -50.18 -29.18
CA LEU B 129 -17.75 -50.53 -30.20
C LEU B 129 -19.03 -51.17 -29.55
N LYS B 130 -18.81 -51.88 -28.47
CA LYS B 130 -19.93 -52.45 -27.68
C LYS B 130 -20.96 -51.44 -27.30
N SER B 131 -20.51 -50.23 -26.97
CA SER B 131 -21.35 -49.12 -26.55
C SER B 131 -22.25 -48.58 -27.65
N GLY B 132 -21.95 -48.89 -28.91
CA GLY B 132 -22.73 -48.32 -29.98
C GLY B 132 -22.02 -47.26 -30.80
N THR B 133 -20.80 -46.91 -30.43
CA THR B 133 -20.11 -45.74 -31.04
C THR B 133 -18.69 -46.13 -31.33
N ALA B 134 -18.16 -45.58 -32.42
CA ALA B 134 -16.78 -45.77 -32.77
C ALA B 134 -16.06 -44.41 -32.89
N SER B 135 -14.92 -44.25 -32.23
CA SER B 135 -14.09 -43.06 -32.38
C SER B 135 -12.86 -43.47 -33.15
N VAL B 136 -12.57 -42.74 -34.21
CA VAL B 136 -11.32 -42.94 -35.01
C VAL B 136 -10.45 -41.69 -34.82
N VAL B 137 -9.19 -41.85 -34.44
CA VAL B 137 -8.32 -40.76 -34.04
C VAL B 137 -7.14 -40.67 -35.00
N CYS B 138 -6.86 -39.46 -35.42
CA CYS B 138 -5.66 -39.15 -36.23
C CYS B 138 -4.81 -38.15 -35.45
N LEU B 139 -3.53 -38.50 -35.28
CA LEU B 139 -2.59 -37.70 -34.50
C LEU B 139 -1.56 -37.09 -35.40
N LEU B 140 -1.37 -35.78 -35.28
CA LEU B 140 -0.27 -35.05 -35.95
C LEU B 140 0.68 -34.60 -34.88
N ASN B 141 1.92 -35.04 -34.91
CA ASN B 141 2.78 -34.84 -33.80
C ASN B 141 3.99 -33.96 -34.09
N ASN B 142 4.16 -32.96 -33.25
CA ASN B 142 5.36 -32.13 -33.12
C ASN B 142 5.69 -31.38 -34.37
N PHE B 143 4.80 -30.52 -34.81
CA PHE B 143 4.97 -29.81 -36.04
C PHE B 143 4.98 -28.30 -35.85
N TYR B 144 5.41 -27.57 -36.89
CA TYR B 144 5.44 -26.11 -36.90
C TYR B 144 5.41 -25.65 -38.38
N PRO B 145 4.56 -24.69 -38.77
CA PRO B 145 3.68 -23.83 -37.97
C PRO B 145 2.38 -24.59 -37.56
N ARG B 146 1.55 -23.90 -36.78
CA ARG B 146 0.31 -24.47 -36.18
C ARG B 146 -0.75 -24.83 -37.21
N GLU B 147 -0.75 -24.18 -38.36
CA GLU B 147 -1.77 -24.40 -39.34
C GLU B 147 -1.58 -25.78 -40.01
N ALA B 148 -2.67 -26.55 -40.08
CA ALA B 148 -2.65 -27.87 -40.70
C ALA B 148 -4.03 -28.25 -41.07
N LYS B 149 -4.16 -29.14 -42.05
CA LYS B 149 -5.47 -29.55 -42.53
C LYS B 149 -5.57 -31.06 -42.49
N VAL B 150 -6.66 -31.55 -41.92
CA VAL B 150 -6.92 -32.95 -41.89
C VAL B 150 -8.21 -33.25 -42.62
N GLN B 151 -8.16 -34.24 -43.51
CA GLN B 151 -9.32 -34.70 -44.22
C GLN B 151 -9.57 -36.16 -43.92
N TRP B 152 -10.80 -36.49 -43.59
CA TRP B 152 -11.16 -37.91 -43.34
C TRP B 152 -11.90 -38.49 -44.49
N LYS B 153 -11.58 -39.71 -44.83
CA LYS B 153 -12.38 -40.51 -45.78
C LYS B 153 -12.65 -41.89 -45.26
N VAL B 154 -13.87 -42.37 -45.53
CA VAL B 154 -14.40 -43.67 -45.21
C VAL B 154 -14.87 -44.33 -46.49
N ASP B 155 -14.14 -45.33 -46.95
CA ASP B 155 -14.39 -45.95 -48.29
C ASP B 155 -14.51 -44.85 -49.35
N ASN B 156 -13.52 -43.94 -49.31
CA ASN B 156 -13.46 -42.80 -50.17
C ASN B 156 -14.55 -41.73 -50.08
N ALA B 157 -15.46 -41.83 -49.10
CA ALA B 157 -16.47 -40.80 -48.80
C ALA B 157 -15.89 -39.77 -47.83
N LEU B 158 -15.80 -38.50 -48.27
CA LEU B 158 -15.29 -37.41 -47.52
C LEU B 158 -16.23 -37.17 -46.35
N GLN B 159 -15.71 -37.23 -45.14
CA GLN B 159 -16.51 -36.98 -43.91
C GLN B 159 -16.50 -35.52 -43.60
N SER B 160 -17.71 -34.93 -43.49
CA SER B 160 -17.79 -33.54 -43.23
C SER B 160 -18.76 -33.26 -42.13
N GLY B 161 -18.31 -32.68 -41.01
CA GLY B 161 -19.20 -32.33 -39.90
C GLY B 161 -19.23 -33.29 -38.74
N ASN B 162 -18.54 -34.41 -38.85
CA ASN B 162 -18.55 -35.43 -37.77
C ASN B 162 -17.17 -35.66 -37.18
N SER B 163 -16.32 -34.66 -37.24
CA SER B 163 -15.05 -34.69 -36.56
C SER B 163 -14.75 -33.49 -35.72
N GLN B 164 -13.92 -33.67 -34.70
CA GLN B 164 -13.46 -32.54 -33.93
C GLN B 164 -12.00 -32.53 -33.78
N GLU B 165 -11.42 -31.34 -33.80
CA GLU B 165 -9.98 -31.16 -33.59
C GLU B 165 -9.57 -30.53 -32.29
N SER B 166 -8.43 -30.91 -31.79
CA SER B 166 -7.81 -30.32 -30.63
C SER B 166 -6.34 -30.07 -30.91
N VAL B 167 -5.80 -28.94 -30.49
CA VAL B 167 -4.41 -28.55 -30.67
C VAL B 167 -3.77 -28.26 -29.35
N THR B 168 -2.62 -28.82 -29.15
CA THR B 168 -1.82 -28.56 -27.95
C THR B 168 -1.32 -27.08 -27.95
N GLU B 169 -1.07 -26.54 -26.75
CA GLU B 169 -0.38 -25.26 -26.69
C GLU B 169 1.08 -25.48 -27.16
N GLN B 170 1.73 -24.40 -27.62
CA GLN B 170 3.13 -24.47 -28.06
C GLN B 170 4.02 -25.08 -27.00
N ASP B 171 4.88 -25.99 -27.41
CA ASP B 171 5.79 -26.65 -26.49
C ASP B 171 6.82 -25.64 -25.98
N SER B 172 7.06 -25.65 -24.67
CA SER B 172 7.94 -24.65 -24.06
C SER B 172 9.44 -24.93 -24.32
N LYS B 173 9.75 -26.14 -24.77
CA LYS B 173 11.14 -26.50 -25.13
C LYS B 173 11.43 -26.50 -26.64
N ASP B 174 10.60 -27.17 -27.44
CA ASP B 174 10.87 -27.27 -28.89
C ASP B 174 9.99 -26.44 -29.80
N SER B 175 9.09 -25.66 -29.23
CA SER B 175 8.25 -24.71 -29.95
C SER B 175 7.32 -25.36 -31.01
N THR B 176 7.03 -26.65 -30.86
CA THR B 176 6.11 -27.34 -31.78
C THR B 176 4.67 -27.45 -31.20
N TYR B 177 3.80 -27.87 -32.08
CA TYR B 177 2.38 -28.20 -31.74
C TYR B 177 2.13 -29.65 -32.03
N SER B 178 1.11 -30.20 -31.39
CA SER B 178 0.53 -31.44 -31.89
C SER B 178 -0.98 -31.29 -31.98
N LEU B 179 -1.61 -32.12 -32.76
CA LEU B 179 -3.01 -31.99 -33.05
C LEU B 179 -3.67 -33.35 -33.16
N SER B 180 -4.87 -33.47 -32.61
CA SER B 180 -5.68 -34.63 -32.82
C SER B 180 -6.90 -34.25 -33.64
N SER B 181 -7.36 -35.20 -34.44
CA SER B 181 -8.63 -35.14 -35.14
C SER B 181 -9.37 -36.41 -34.84
N THR B 182 -10.59 -36.29 -34.33
CA THR B 182 -11.41 -37.43 -33.90
C THR B 182 -12.66 -37.47 -34.71
N LEU B 183 -12.85 -38.60 -35.40
CA LEU B 183 -14.04 -38.89 -36.19
C LEU B 183 -14.93 -39.77 -35.43
N THR B 184 -16.21 -39.40 -35.33
CA THR B 184 -17.21 -40.17 -34.66
C THR B 184 -18.18 -40.82 -35.60
N LEU B 185 -18.36 -42.12 -35.45
CA LEU B 185 -19.34 -42.87 -36.24
C LEU B 185 -20.13 -43.82 -35.35
N SER B 186 -21.32 -44.24 -35.78
CA SER B 186 -22.07 -45.30 -35.05
C SER B 186 -21.34 -46.60 -35.27
N LYS B 187 -21.52 -47.57 -34.37
CA LYS B 187 -20.96 -48.92 -34.59
C LYS B 187 -21.41 -49.52 -35.94
N ALA B 188 -22.67 -49.32 -36.22
CA ALA B 188 -23.31 -49.93 -37.38
C ALA B 188 -22.68 -49.32 -38.64
N ASP B 189 -22.42 -48.02 -38.63
CA ASP B 189 -21.68 -47.42 -39.79
C ASP B 189 -20.26 -47.85 -39.90
N TYR B 190 -19.56 -47.87 -38.79
CA TYR B 190 -18.20 -48.39 -38.82
C TYR B 190 -18.05 -49.81 -39.43
N GLU B 191 -18.92 -50.70 -38.95
CA GLU B 191 -18.91 -52.09 -39.38
C GLU B 191 -19.36 -52.30 -40.83
N LYS B 192 -19.94 -51.26 -41.44
CA LYS B 192 -20.38 -51.30 -42.84
C LYS B 192 -19.30 -50.92 -43.82
N HIS B 193 -18.16 -50.44 -43.33
CA HIS B 193 -17.10 -49.87 -44.21
C HIS B 193 -15.73 -50.43 -43.84
N LYS B 194 -14.82 -50.41 -44.81
CA LYS B 194 -13.50 -50.99 -44.71
C LYS B 194 -12.36 -50.02 -44.53
N VAL B 195 -12.20 -49.05 -45.45
CA VAL B 195 -11.01 -48.25 -45.47
C VAL B 195 -11.25 -46.92 -44.75
N TYR B 196 -10.42 -46.70 -43.74
CA TYR B 196 -10.43 -45.48 -42.94
C TYR B 196 -9.15 -44.78 -43.10
N ALA B 197 -9.23 -43.52 -43.54
CA ALA B 197 -8.08 -42.74 -43.88
C ALA B 197 -8.14 -41.33 -43.42
N CYS B 198 -7.00 -40.87 -42.92
CA CYS B 198 -6.74 -39.49 -42.56
CA CYS B 198 -6.83 -39.43 -42.68
C CYS B 198 -5.67 -38.91 -43.51
N GLU B 199 -5.94 -37.80 -44.16
CA GLU B 199 -4.95 -37.14 -45.01
C GLU B 199 -4.55 -35.78 -44.46
N VAL B 200 -3.26 -35.56 -44.30
CA VAL B 200 -2.75 -34.42 -43.64
C VAL B 200 -2.02 -33.55 -44.66
N THR B 201 -2.40 -32.28 -44.66
CA THR B 201 -1.69 -31.24 -45.43
C THR B 201 -1.02 -30.27 -44.46
N HIS B 202 0.24 -29.94 -44.72
CA HIS B 202 1.00 -29.06 -43.86
C HIS B 202 2.19 -28.53 -44.63
N GLN B 203 2.62 -27.34 -44.26
CA GLN B 203 3.72 -26.66 -44.95
C GLN B 203 5.01 -27.47 -45.03
N GLY B 204 5.35 -28.22 -43.99
CA GLY B 204 6.54 -29.07 -44.00
C GLY B 204 6.47 -30.34 -44.85
N LEU B 205 5.32 -30.62 -45.40
CA LEU B 205 5.06 -31.80 -46.26
C LEU B 205 4.94 -31.38 -47.74
N SER B 206 5.81 -31.94 -48.58
CA SER B 206 5.83 -31.54 -49.98
C SER B 206 4.55 -31.98 -50.69
N SER B 207 3.96 -33.10 -50.24
CA SER B 207 2.66 -33.56 -50.66
C SER B 207 1.87 -34.02 -49.39
N PRO B 208 0.56 -34.05 -49.45
CA PRO B 208 -0.24 -34.58 -48.33
C PRO B 208 0.14 -36.01 -47.95
N VAL B 209 0.12 -36.31 -46.66
CA VAL B 209 0.36 -37.66 -46.16
C VAL B 209 -0.95 -38.30 -45.77
N THR B 210 -1.14 -39.56 -46.17
CA THR B 210 -2.33 -40.27 -45.83
C THR B 210 -1.89 -41.46 -44.94
N LYS B 211 -2.56 -41.61 -43.80
CA LYS B 211 -2.47 -42.88 -42.98
C LYS B 211 -3.81 -43.53 -42.99
N SER B 212 -3.88 -44.86 -43.17
CA SER B 212 -5.14 -45.52 -43.22
C SER B 212 -5.05 -46.89 -42.58
N PHE B 213 -6.18 -47.47 -42.29
CA PHE B 213 -6.28 -48.87 -41.88
C PHE B 213 -7.53 -49.45 -42.51
N ASN B 214 -7.48 -50.76 -42.71
CA ASN B 214 -8.62 -51.50 -43.12
C ASN B 214 -9.21 -52.26 -41.94
N ARG B 215 -10.49 -51.98 -41.68
CA ARG B 215 -11.17 -52.60 -40.57
C ARG B 215 -11.11 -54.13 -40.70
N GLY B 216 -10.68 -54.78 -39.64
CA GLY B 216 -10.61 -56.25 -39.54
C GLY B 216 -9.29 -56.88 -40.06
N GLU B 217 -8.31 -56.04 -40.39
CA GLU B 217 -7.00 -56.46 -40.79
C GLU B 217 -5.95 -56.12 -39.76
N CYS B 218 -4.82 -56.84 -39.79
CA CYS B 218 -3.70 -56.46 -38.96
C CYS B 218 -2.43 -56.98 -39.57
N GLU C 1 6.10 0.15 23.08
CA GLU C 1 7.43 -0.26 22.65
C GLU C 1 7.72 -0.06 21.12
N VAL C 2 6.75 0.12 20.23
CA VAL C 2 7.13 0.65 18.91
C VAL C 2 7.60 2.09 19.11
N GLN C 3 8.76 2.43 18.61
CA GLN C 3 9.12 3.84 18.70
C GLN C 3 10.09 4.28 17.63
N LEU C 4 10.07 5.57 17.31
CA LEU C 4 10.98 6.19 16.36
C LEU C 4 11.55 7.42 17.06
N VAL C 5 12.84 7.62 16.90
CA VAL C 5 13.57 8.72 17.54
C VAL C 5 14.41 9.42 16.52
N GLU C 6 14.10 10.71 16.26
CA GLU C 6 14.92 11.51 15.39
C GLU C 6 16.14 12.09 16.11
N SER C 7 17.21 12.26 15.35
CA SER C 7 18.39 13.01 15.82
C SER C 7 19.07 13.68 14.65
N GLY C 8 19.99 14.58 14.98
CA GLY C 8 20.82 15.15 13.96
C GLY C 8 20.38 16.57 13.60
N GLY C 9 19.40 17.09 14.31
CA GLY C 9 18.80 18.35 13.95
C GLY C 9 19.64 19.44 14.61
N GLY C 10 19.59 20.60 14.02
CA GLY C 10 20.19 21.75 14.68
C GLY C 10 20.43 22.87 13.69
N LEU C 11 21.35 23.75 14.03
CA LEU C 11 21.62 24.95 13.26
C LEU C 11 22.62 24.66 12.15
N VAL C 12 22.37 25.20 10.98
CA VAL C 12 23.22 24.95 9.83
C VAL C 12 23.25 26.21 9.02
N GLN C 13 24.44 26.58 8.51
CA GLN C 13 24.48 27.71 7.64
C GLN C 13 23.82 27.41 6.31
N PRO C 14 23.19 28.41 5.68
CA PRO C 14 22.66 28.21 4.27
C PRO C 14 23.77 27.66 3.35
N GLY C 15 23.38 26.74 2.46
CA GLY C 15 24.26 26.01 1.61
C GLY C 15 24.86 24.82 2.28
N GLY C 16 24.64 24.68 3.57
CA GLY C 16 25.33 23.67 4.35
C GLY C 16 24.62 22.31 4.23
N SER C 17 25.22 21.33 4.90
CA SER C 17 24.72 19.95 4.86
C SER C 17 24.44 19.46 6.28
N LEU C 18 23.37 18.67 6.42
CA LEU C 18 23.04 17.98 7.66
C LEU C 18 22.44 16.62 7.35
N ARG C 19 22.74 15.63 8.19
CA ARG C 19 22.09 14.35 8.06
C ARG C 19 21.29 14.10 9.29
N LEU C 20 20.00 13.88 9.08
CA LEU C 20 19.14 13.44 10.14
C LEU C 20 19.03 11.90 10.14
N SER C 21 18.89 11.35 11.34
CA SER C 21 18.69 9.93 11.65
C SER C 21 17.33 9.72 12.28
N CYS C 22 16.70 8.60 11.96
CA CYS C 22 15.48 8.13 12.54
C CYS C 22 15.75 6.67 13.03
N ALA C 23 15.95 6.50 14.32
CA ALA C 23 16.24 5.19 14.92
C ALA C 23 14.98 4.53 15.38
N ALA C 24 14.70 3.35 14.80
CA ALA C 24 13.52 2.60 15.07
C ALA C 24 13.79 1.51 16.13
N SER C 25 12.82 1.26 16.97
CA SER C 25 12.81 0.09 17.85
C SER C 25 11.41 -0.44 18.03
N GLY C 26 11.32 -1.73 18.38
CA GLY C 26 10.06 -2.41 18.50
C GLY C 26 9.45 -2.86 17.19
N PHE C 27 10.18 -2.70 16.08
CA PHE C 27 9.77 -3.21 14.77
C PHE C 27 10.97 -3.10 13.88
N ASN C 28 10.89 -3.72 12.72
CA ASN C 28 12.00 -3.65 11.77
C ASN C 28 11.60 -2.75 10.62
N ILE C 29 12.42 -1.77 10.28
CA ILE C 29 12.09 -0.93 9.13
C ILE C 29 12.07 -1.73 7.82
N LYS C 30 12.80 -2.85 7.75
CA LYS C 30 12.70 -3.71 6.60
C LYS C 30 11.27 -4.21 6.32
N ASP C 31 10.37 -4.15 7.31
CA ASP C 31 9.04 -4.69 7.14
C ASP C 31 8.07 -3.63 6.70
N THR C 32 8.57 -2.40 6.55
CA THR C 32 7.66 -1.32 6.32
C THR C 32 8.19 -0.17 5.46
N TRP C 33 7.50 0.99 5.57
CA TRP C 33 7.86 2.20 4.89
C TRP C 33 8.21 3.26 5.93
N ILE C 34 9.23 4.05 5.66
CA ILE C 34 9.60 5.15 6.57
C ILE C 34 9.43 6.44 5.81
N HIS C 35 8.80 7.41 6.49
CA HIS C 35 8.55 8.73 5.90
C HIS C 35 9.21 9.85 6.70
N TRP C 36 9.51 10.99 6.03
CA TRP C 36 9.78 12.26 6.72
C TRP C 36 8.68 13.26 6.38
N VAL C 37 8.21 13.98 7.40
CA VAL C 37 7.24 15.05 7.31
C VAL C 37 7.87 16.25 8.05
N ARG C 38 7.74 17.46 7.51
CA ARG C 38 8.24 18.67 8.26
C ARG C 38 7.18 19.72 8.47
N GLN C 39 7.47 20.61 9.42
CA GLN C 39 6.54 21.65 9.83
C GLN C 39 7.29 22.94 10.13
N ALA C 40 7.20 23.87 9.22
CA ALA C 40 7.78 25.20 9.46
C ALA C 40 7.14 25.88 10.65
N PRO C 41 7.89 26.79 11.30
CA PRO C 41 7.34 27.34 12.54
C PRO C 41 6.03 28.04 12.29
N GLY C 42 5.07 27.74 13.13
CA GLY C 42 3.77 28.30 13.00
C GLY C 42 2.95 27.79 11.82
N LYS C 43 3.45 26.83 11.01
CA LYS C 43 2.78 26.48 9.72
C LYS C 43 2.22 25.08 9.81
N GLY C 44 1.71 24.58 8.70
CA GLY C 44 1.10 23.25 8.68
C GLY C 44 2.09 22.17 8.31
N LEU C 45 1.60 20.96 8.10
CA LEU C 45 2.47 19.82 7.83
C LEU C 45 2.79 19.69 6.38
N GLU C 46 4.03 19.34 6.08
CA GLU C 46 4.47 19.17 4.73
C GLU C 46 5.19 17.88 4.55
N TRP C 47 4.67 17.04 3.67
CA TRP C 47 5.36 15.83 3.32
C TRP C 47 6.68 16.01 2.58
N VAL C 48 7.68 15.30 3.03
CA VAL C 48 9.05 15.42 2.47
C VAL C 48 9.57 14.22 1.63
N ALA C 49 9.60 13.03 2.22
CA ALA C 49 10.09 11.87 1.49
C ALA C 49 9.61 10.61 2.07
N ARG C 50 9.75 9.55 1.28
CA ARG C 50 9.54 8.19 1.79
C ARG C 50 10.40 7.13 1.12
N ILE C 51 10.70 6.08 1.89
CA ILE C 51 11.46 4.97 1.43
C ILE C 51 10.86 3.61 1.81
N TYR C 52 11.04 2.62 0.92
CA TYR C 52 10.75 1.23 1.21
C TYR C 52 12.08 0.53 1.27
N PRO C 53 12.66 0.44 2.59
CA PRO C 53 14.06 0.03 2.75
C PRO C 53 14.42 -1.23 2.00
N THR C 54 13.46 -2.16 1.94
CA THR C 54 13.69 -3.46 1.32
C THR C 54 14.25 -3.34 -0.07
N ASN C 55 13.74 -2.45 -0.87
CA ASN C 55 14.28 -2.36 -2.20
C ASN C 55 14.83 -1.00 -2.59
N GLY C 56 14.92 -0.11 -1.62
CA GLY C 56 15.42 1.25 -1.85
C GLY C 56 14.60 2.19 -2.64
N TYR C 57 13.36 1.87 -2.95
CA TYR C 57 12.48 2.78 -3.63
C TYR C 57 12.22 4.02 -2.80
N THR C 58 12.41 5.17 -3.43
CA THR C 58 12.18 6.45 -2.78
C THR C 58 11.28 7.34 -3.58
N ARG C 59 10.55 8.17 -2.86
CA ARG C 59 9.90 9.29 -3.44
C ARG C 59 10.15 10.56 -2.60
N TYR C 60 10.17 11.69 -3.32
CA TYR C 60 10.39 13.03 -2.75
C TYR C 60 9.30 14.06 -3.11
N ALA C 61 9.11 15.03 -2.22
CA ALA C 61 8.35 16.24 -2.53
C ALA C 61 9.15 17.08 -3.51
N ASP C 62 8.43 17.85 -4.32
CA ASP C 62 9.09 18.65 -5.36
C ASP C 62 10.10 19.59 -4.70
N SER C 63 9.69 20.17 -3.57
CA SER C 63 10.47 21.19 -2.83
C SER C 63 11.84 20.75 -2.42
N VAL C 64 12.10 19.42 -2.35
CA VAL C 64 13.40 18.91 -1.95
C VAL C 64 14.20 18.04 -2.93
N LYS C 65 13.62 17.73 -4.10
CA LYS C 65 14.34 16.93 -5.11
C LYS C 65 15.73 17.43 -5.50
N GLY C 66 16.65 16.50 -5.67
CA GLY C 66 18.03 16.87 -5.97
C GLY C 66 18.84 17.43 -4.79
N ARG C 67 18.20 17.68 -3.63
CA ARG C 67 18.88 18.31 -2.46
C ARG C 67 18.95 17.39 -1.27
N PHE C 68 17.83 16.73 -1.03
CA PHE C 68 17.71 15.72 0.06
C PHE C 68 17.66 14.29 -0.47
N THR C 69 18.28 13.37 0.26
CA THR C 69 18.21 11.96 -0.06
C THR C 69 17.77 11.17 1.19
N ILE C 70 16.71 10.41 1.00
CA ILE C 70 16.25 9.50 2.05
C ILE C 70 16.95 8.13 1.88
N SER C 71 17.40 7.52 2.99
CA SER C 71 18.07 6.23 2.87
C SER C 71 17.85 5.46 4.13
N ALA C 72 18.32 4.23 4.14
CA ALA C 72 18.18 3.40 5.30
C ALA C 72 19.25 2.37 5.43
N ASP C 73 19.46 1.96 6.67
CA ASP C 73 20.41 0.92 6.99
C ASP C 73 19.70 -0.11 7.84
N THR C 74 19.26 -1.19 7.21
CA THR C 74 18.48 -2.24 7.91
C THR C 74 19.29 -2.96 8.97
N SER C 75 20.62 -2.96 8.85
CA SER C 75 21.48 -3.53 9.90
C SER C 75 21.53 -2.64 11.15
N LYS C 76 21.28 -1.34 11.00
CA LYS C 76 21.17 -0.47 12.19
C LYS C 76 19.71 -0.10 12.55
N ASN C 77 18.81 -0.64 11.79
CA ASN C 77 17.38 -0.34 11.91
C ASN C 77 17.11 1.18 11.95
N THR C 78 17.76 1.88 11.08
CA THR C 78 17.77 3.33 11.12
C THR C 78 17.55 3.82 9.73
N ALA C 79 16.79 4.91 9.59
CA ALA C 79 16.67 5.67 8.36
C ALA C 79 17.34 7.04 8.47
N TYR C 80 17.62 7.64 7.34
CA TYR C 80 18.41 8.88 7.21
C TYR C 80 17.77 9.85 6.22
N LEU C 81 17.90 11.14 6.49
CA LEU C 81 17.59 12.17 5.55
C LEU C 81 18.85 13.05 5.43
N GLN C 82 19.57 12.84 4.32
CA GLN C 82 20.76 13.63 4.02
C GLN C 82 20.22 14.91 3.37
N MET C 83 20.50 16.06 3.94
CA MET C 83 19.94 17.33 3.43
C MET C 83 21.11 18.20 3.00
N ASN C 84 21.16 18.54 1.72
CA ASN C 84 22.26 19.28 1.12
C ASN C 84 21.74 20.59 0.61
N SER C 85 22.66 21.53 0.39
CA SER C 85 22.22 22.80 -0.21
C SER C 85 21.09 23.38 0.57
N LEU C 86 21.24 23.40 1.90
CA LEU C 86 20.10 23.84 2.69
C LEU C 86 19.81 25.31 2.51
N ARG C 87 18.52 25.62 2.59
CA ARG C 87 17.98 26.93 2.43
C ARG C 87 17.23 27.37 3.70
N ALA C 88 17.11 28.68 3.88
CA ALA C 88 16.28 29.29 4.94
C ALA C 88 14.89 28.67 5.03
N GLU C 89 14.30 28.39 3.87
CA GLU C 89 12.92 27.92 3.85
C GLU C 89 12.82 26.40 4.24
N ASP C 90 13.94 25.71 4.39
CA ASP C 90 13.93 24.34 4.93
C ASP C 90 13.87 24.33 6.49
N THR C 91 13.89 25.52 7.12
CA THR C 91 13.68 25.61 8.57
C THR C 91 12.35 25.03 8.99
N ALA C 92 12.43 24.04 9.88
CA ALA C 92 11.27 23.26 10.33
C ALA C 92 11.61 22.22 11.38
N VAL C 93 10.60 21.77 12.09
CA VAL C 93 10.66 20.51 12.78
C VAL C 93 10.46 19.35 11.79
N TYR C 94 11.41 18.44 11.80
CA TYR C 94 11.35 17.24 10.95
C TYR C 94 10.98 16.03 11.77
N TYR C 95 9.87 15.38 11.39
CA TYR C 95 9.40 14.19 12.01
C TYR C 95 9.63 13.01 11.11
N CYS C 96 10.03 11.91 11.68
CA CYS C 96 9.94 10.69 10.90
CA CYS C 96 10.02 10.65 10.98
C CYS C 96 8.75 9.91 11.41
N SER C 97 8.23 9.10 10.52
CA SER C 97 7.07 8.25 10.83
C SER C 97 7.08 6.98 9.98
N ARG C 98 6.18 6.07 10.29
CA ARG C 98 6.10 4.79 9.57
C ARG C 98 4.64 4.53 9.21
N TRP C 99 4.49 3.54 8.34
CA TRP C 99 3.27 2.74 8.29
C TRP C 99 3.44 1.39 9.09
N GLY C 100 2.36 0.90 9.63
CA GLY C 100 2.36 -0.36 10.40
C GLY C 100 1.62 -1.49 9.68
N GLY C 101 2.02 -2.75 9.93
CA GLY C 101 1.20 -3.90 9.48
C GLY C 101 1.29 -3.92 8.00
N PHE C 102 0.18 -4.03 7.33
CA PHE C 102 0.20 -3.71 5.85
C PHE C 102 -0.88 -2.62 5.65
N MET C 103 -0.95 -1.74 6.65
CA MET C 103 -1.93 -0.69 6.67
CA MET C 103 -1.93 -0.67 6.65
C MET C 103 -1.31 0.53 5.93
N PHE C 104 -1.36 0.50 4.60
CA PHE C 104 -0.83 1.61 3.83
C PHE C 104 -1.62 2.93 4.14
N TYR C 105 -0.94 4.04 3.90
CA TYR C 105 -1.56 5.37 3.90
C TYR C 105 -2.08 5.84 5.27
N ALA C 106 -1.39 5.45 6.34
CA ALA C 106 -1.78 5.83 7.68
C ALA C 106 -0.48 5.84 8.49
N MET C 107 -0.03 7.03 8.84
CA MET C 107 1.14 7.20 9.68
C MET C 107 0.79 6.98 11.14
N ASP C 108 1.09 5.79 11.65
CA ASP C 108 0.57 5.39 12.92
C ASP C 108 1.50 5.74 14.07
N TYR C 109 2.79 5.68 13.83
CA TYR C 109 3.81 6.09 14.82
C TYR C 109 4.70 7.14 14.19
N TRP C 110 5.00 8.15 15.01
CA TRP C 110 5.84 9.24 14.70
C TRP C 110 6.93 9.43 15.76
N GLY C 111 8.09 9.93 15.36
CA GLY C 111 9.01 10.49 16.34
C GLY C 111 8.53 11.82 16.93
N GLN C 112 9.27 12.29 17.91
CA GLN C 112 9.02 13.54 18.59
C GLN C 112 9.40 14.80 17.77
N GLY C 113 10.22 14.61 16.74
CA GLY C 113 10.62 15.69 15.80
C GLY C 113 11.93 16.27 16.21
N THR C 114 12.67 16.79 15.24
CA THR C 114 13.95 17.47 15.53
C THR C 114 13.95 18.75 14.73
N LEU C 115 14.30 19.85 15.38
CA LEU C 115 14.26 21.13 14.72
C LEU C 115 15.55 21.39 13.88
N VAL C 116 15.37 21.82 12.63
CA VAL C 116 16.49 22.25 11.74
C VAL C 116 16.27 23.69 11.49
N THR C 117 17.29 24.53 11.85
CA THR C 117 17.22 25.92 11.61
C THR C 117 18.33 26.26 10.64
N VAL C 118 17.95 26.91 9.55
CA VAL C 118 18.94 27.23 8.51
C VAL C 118 19.07 28.77 8.57
N SER C 119 20.29 29.22 8.95
CA SER C 119 20.52 30.63 9.26
C SER C 119 21.98 30.92 9.23
N SER C 120 22.34 32.19 8.92
CA SER C 120 23.72 32.56 9.03
C SER C 120 24.11 32.96 10.42
N ALA C 121 23.11 33.23 11.28
CA ALA C 121 23.33 33.57 12.68
C ALA C 121 23.95 32.41 13.45
N SER C 122 24.78 32.71 14.46
CA SER C 122 25.52 31.72 15.21
C SER C 122 24.78 31.27 16.44
N THR C 123 25.10 30.09 16.95
CA THR C 123 24.49 29.66 18.21
CA THR C 123 24.48 29.65 18.24
C THR C 123 24.89 30.51 19.43
N LYS C 124 23.95 30.78 20.33
CA LYS C 124 24.25 31.50 21.49
C LYS C 124 23.35 30.99 22.61
N GLY C 125 23.95 30.66 23.75
CA GLY C 125 23.23 30.27 24.94
C GLY C 125 22.62 31.45 25.69
N PRO C 126 21.52 31.18 26.45
CA PRO C 126 20.85 32.23 27.18
C PRO C 126 21.55 32.67 28.44
N SER C 127 21.27 33.90 28.85
CA SER C 127 21.48 34.31 30.22
C SER C 127 20.17 34.07 30.97
N VAL C 128 20.21 33.68 32.24
CA VAL C 128 19.00 33.31 32.96
C VAL C 128 18.94 34.23 34.18
N PHE C 129 17.85 34.96 34.31
CA PHE C 129 17.67 35.96 35.35
C PHE C 129 16.42 35.58 36.14
N PRO C 130 16.46 35.84 37.45
CA PRO C 130 15.35 35.52 38.28
C PRO C 130 14.17 36.51 38.06
N LEU C 131 12.97 35.98 38.18
CA LEU C 131 11.75 36.76 38.26
C LEU C 131 11.19 36.56 39.66
N ALA C 132 11.39 37.55 40.47
CA ALA C 132 10.91 37.50 41.85
C ALA C 132 10.18 38.77 42.20
N PRO C 133 9.11 38.68 42.99
CA PRO C 133 8.42 39.94 43.39
C PRO C 133 9.26 40.93 44.18
N SER C 134 8.99 42.23 44.02
CA SER C 134 9.66 43.21 44.90
C SER C 134 9.33 42.90 46.36
N SER C 135 10.29 43.26 47.21
CA SER C 135 10.24 43.19 48.67
C SER C 135 8.93 43.80 49.22
N LYS C 136 8.45 44.88 48.61
CA LYS C 136 7.24 45.59 49.13
C LYS C 136 5.93 45.07 48.53
N SER C 137 5.96 44.10 47.61
CA SER C 137 4.72 43.59 47.01
C SER C 137 3.93 42.75 48.02
N THR C 138 2.61 42.77 47.86
CA THR C 138 1.71 42.05 48.74
C THR C 138 0.94 41.08 47.86
N SER C 139 0.28 40.12 48.49
CA SER C 139 -0.55 39.16 47.74
C SER C 139 -1.71 38.73 48.61
N GLY C 140 -2.62 38.01 48.00
CA GLY C 140 -3.69 37.38 48.71
C GLY C 140 -3.37 35.92 49.05
N GLY C 141 -2.10 35.54 49.11
CA GLY C 141 -1.73 34.19 49.52
C GLY C 141 -1.04 33.39 48.40
N THR C 142 -1.26 33.77 47.12
CA THR C 142 -0.56 33.11 45.93
C THR C 142 0.43 34.08 45.35
N ALA C 143 1.64 33.61 45.08
CA ALA C 143 2.70 34.47 44.60
C ALA C 143 3.21 33.78 43.34
N ALA C 144 3.80 34.59 42.49
CA ALA C 144 4.44 34.01 41.25
C ALA C 144 5.91 34.26 41.32
N LEU C 145 6.67 33.29 40.76
CA LEU C 145 8.06 33.34 40.59
C LEU C 145 8.35 32.84 39.17
N GLY C 146 9.54 33.14 38.72
CA GLY C 146 9.95 32.62 37.42
C GLY C 146 11.43 32.87 37.04
N CYS C 147 11.77 32.52 35.82
CA CYS C 147 13.09 32.71 35.22
CA CYS C 147 13.06 32.85 35.25
C CYS C 147 12.90 33.35 33.84
N LEU C 148 13.65 34.41 33.58
CA LEU C 148 13.76 35.06 32.27
C LEU C 148 14.94 34.44 31.57
N VAL C 149 14.69 33.80 30.46
CA VAL C 149 15.71 33.06 29.66
C VAL C 149 15.95 33.92 28.43
N LYS C 150 17.00 34.75 28.48
CA LYS C 150 17.17 35.86 27.58
C LYS C 150 18.33 35.64 26.61
N ASP C 151 18.10 35.97 25.36
CA ASP C 151 19.16 36.19 24.38
C ASP C 151 19.81 34.90 23.94
N TYR C 152 19.04 34.06 23.31
CA TYR C 152 19.56 32.80 22.77
C TYR C 152 19.21 32.60 21.31
N PHE C 153 19.91 31.66 20.70
CA PHE C 153 19.67 31.30 19.32
C PHE C 153 20.36 29.95 19.02
N PRO C 154 19.73 29.08 18.22
CA PRO C 154 18.39 29.06 17.70
C PRO C 154 17.44 28.52 18.81
N GLU C 155 16.14 28.36 18.49
CA GLU C 155 15.29 27.47 19.32
C GLU C 155 15.82 26.03 19.29
N PRO C 156 15.42 25.16 20.23
CA PRO C 156 14.55 25.47 21.37
C PRO C 156 15.32 25.53 22.68
N VAL C 157 14.65 25.98 23.71
CA VAL C 157 15.13 25.75 25.06
C VAL C 157 14.08 24.97 25.84
N THR C 158 14.52 24.20 26.83
CA THR C 158 13.60 23.59 27.75
C THR C 158 13.82 24.09 29.16
N VAL C 159 12.75 24.20 29.91
CA VAL C 159 12.81 24.62 31.29
C VAL C 159 12.02 23.64 32.18
N SER C 160 12.62 23.19 33.26
CA SER C 160 11.90 22.52 34.31
C SER C 160 12.08 23.25 35.57
N TRP C 161 11.31 22.87 36.61
CA TRP C 161 11.41 23.48 37.89
C TRP C 161 11.73 22.38 38.94
N ASN C 162 12.67 22.67 39.81
CA ASN C 162 13.12 21.74 40.85
C ASN C 162 13.29 20.34 40.30
N SER C 163 14.07 20.28 39.24
CA SER C 163 14.41 19.04 38.52
C SER C 163 13.26 18.18 38.17
N GLY C 164 12.09 18.78 37.93
CA GLY C 164 10.92 18.03 37.42
C GLY C 164 9.91 17.75 38.53
N ALA C 165 10.26 18.07 39.76
CA ALA C 165 9.37 17.84 40.92
C ALA C 165 8.30 18.88 41.01
N LEU C 166 8.50 20.03 40.36
CA LEU C 166 7.46 21.08 40.38
C LEU C 166 6.93 21.24 38.97
N THR C 167 5.68 20.81 38.77
CA THR C 167 5.04 20.85 37.46
C THR C 167 3.71 21.59 37.53
N SER C 168 3.05 21.57 38.70
CA SER C 168 1.73 22.24 38.80
C SER C 168 1.89 23.73 38.76
N GLY C 169 1.08 24.37 37.96
CA GLY C 169 1.08 25.80 37.89
C GLY C 169 2.27 26.40 37.12
N VAL C 170 3.02 25.56 36.41
CA VAL C 170 4.16 26.10 35.55
C VAL C 170 3.61 26.54 34.22
N HIS C 171 4.02 27.69 33.73
CA HIS C 171 3.81 28.10 32.35
C HIS C 171 5.15 28.52 31.78
N THR C 172 5.60 27.79 30.76
CA THR C 172 6.80 28.21 30.00
C THR C 172 6.31 28.82 28.69
N PHE C 173 6.57 30.11 28.53
CA PHE C 173 5.91 30.86 27.43
C PHE C 173 6.62 30.53 26.14
N PRO C 174 5.91 30.53 25.03
CA PRO C 174 6.54 30.54 23.70
C PRO C 174 7.59 31.65 23.60
N ALA C 175 8.73 31.34 23.00
CA ALA C 175 9.75 32.34 22.79
C ALA C 175 9.28 33.43 21.87
N VAL C 176 9.77 34.61 22.07
CA VAL C 176 9.57 35.70 21.11
C VAL C 176 10.91 36.08 20.55
N LEU C 177 10.94 36.41 19.26
CA LEU C 177 12.16 36.96 18.64
C LEU C 177 12.27 38.42 18.89
N GLN C 178 13.38 38.84 19.45
CA GLN C 178 13.65 40.20 19.68
C GLN C 178 14.21 40.92 18.48
N SER C 179 14.17 42.27 18.55
CA SER C 179 14.74 43.05 17.44
C SER C 179 16.23 42.75 17.19
N SER C 180 16.94 42.30 18.21
CA SER C 180 18.33 41.81 18.02
C SER C 180 18.53 40.58 17.17
N GLY C 181 17.49 39.80 16.93
CA GLY C 181 17.57 38.59 16.23
C GLY C 181 17.84 37.43 17.21
N LEU C 182 17.74 37.69 18.53
CA LEU C 182 17.81 36.64 19.53
C LEU C 182 16.44 36.38 20.17
N TYR C 183 16.23 35.16 20.59
CA TYR C 183 15.02 34.76 21.27
C TYR C 183 15.12 35.02 22.74
N SER C 184 13.95 35.24 23.37
CA SER C 184 13.87 35.28 24.80
C SER C 184 12.52 34.64 25.23
N LEU C 185 12.50 33.99 26.38
CA LEU C 185 11.22 33.55 26.95
C LEU C 185 11.26 33.63 28.43
N SER C 186 10.09 33.55 29.07
CA SER C 186 10.07 33.44 30.51
C SER C 186 9.32 32.14 30.86
N SER C 187 9.73 31.54 31.96
CA SER C 187 9.00 30.43 32.62
C SER C 187 8.60 30.89 34.01
N VAL C 188 7.34 30.68 34.33
CA VAL C 188 6.80 31.16 35.62
C VAL C 188 6.10 30.00 36.35
N VAL C 189 5.92 30.17 37.66
CA VAL C 189 5.15 29.19 38.40
C VAL C 189 4.46 29.95 39.55
N THR C 190 3.28 29.50 39.90
CA THR C 190 2.60 30.11 41.06
C THR C 190 2.71 29.17 42.25
N VAL C 191 2.94 29.74 43.42
CA VAL C 191 3.23 29.00 44.65
C VAL C 191 2.62 29.71 45.86
N PRO C 192 2.49 29.00 46.99
CA PRO C 192 2.08 29.73 48.20
C PRO C 192 2.99 30.89 48.58
N SER C 193 2.39 32.06 48.87
CA SER C 193 3.19 33.21 49.33
C SER C 193 4.00 32.95 50.56
N SER C 194 3.44 32.15 51.45
CA SER C 194 4.14 31.71 52.67
C SER C 194 5.49 31.00 52.41
N SER C 195 5.59 30.29 51.29
CA SER C 195 6.81 29.52 50.97
C SER C 195 7.98 30.31 50.43
N LEU C 196 7.76 31.59 50.10
CA LEU C 196 8.83 32.47 49.64
C LEU C 196 9.82 32.77 50.73
N GLY C 197 11.09 32.48 50.49
CA GLY C 197 12.09 32.59 51.58
C GLY C 197 12.16 31.35 52.48
N THR C 198 11.23 30.41 52.31
CA THR C 198 11.33 29.07 52.92
C THR C 198 11.60 27.91 51.99
N GLN C 199 10.85 27.79 50.93
CA GLN C 199 11.02 26.70 50.04
C GLN C 199 12.01 27.08 48.95
N THR C 200 12.86 26.16 48.57
CA THR C 200 13.76 26.37 47.43
C THR C 200 13.09 26.20 46.02
N TYR C 201 13.29 27.20 45.15
CA TYR C 201 12.75 27.10 43.78
C TYR C 201 13.89 27.41 42.80
N ILE C 202 14.13 26.43 41.93
CA ILE C 202 15.25 26.43 40.99
C ILE C 202 14.66 26.15 39.63
N CYS C 203 14.96 27.00 38.66
CA CYS C 203 14.62 26.68 37.30
C CYS C 203 15.81 26.02 36.58
N ASN C 204 15.54 24.97 35.87
CA ASN C 204 16.57 24.20 35.20
C ASN C 204 16.42 24.46 33.67
N VAL C 205 17.40 25.14 33.10
CA VAL C 205 17.31 25.61 31.68
C VAL C 205 18.27 24.77 30.91
N ASN C 206 17.83 24.25 29.74
CA ASN C 206 18.76 23.54 28.83
C ASN C 206 18.60 24.06 27.43
N HIS C 207 19.65 24.66 26.88
CA HIS C 207 19.73 25.08 25.47
C HIS C 207 20.76 24.15 24.79
N LYS C 208 20.26 23.03 24.33
CA LYS C 208 21.09 22.05 23.68
C LYS C 208 21.94 22.52 22.50
N PRO C 209 21.42 23.42 21.67
CA PRO C 209 22.28 23.82 20.53
C PRO C 209 23.55 24.48 20.92
N SER C 210 23.63 25.15 22.07
CA SER C 210 24.90 25.71 22.53
C SER C 210 25.60 24.94 23.67
N ASN C 211 25.07 23.81 24.00
CA ASN C 211 25.45 23.07 25.18
C ASN C 211 25.47 23.86 26.43
N THR C 212 24.45 24.71 26.57
CA THR C 212 24.32 25.62 27.69
C THR C 212 23.21 25.09 28.64
N LYS C 213 23.59 24.79 29.88
CA LYS C 213 22.63 24.41 30.92
C LYS C 213 22.83 25.33 32.10
N VAL C 214 21.75 25.82 32.71
CA VAL C 214 21.85 26.63 33.89
C VAL C 214 20.80 26.18 34.89
N ASP C 215 21.14 26.18 36.17
CA ASP C 215 20.21 25.98 37.29
C ASP C 215 20.19 27.23 38.11
N LYS C 216 19.06 27.99 38.13
CA LYS C 216 19.03 29.28 38.76
C LYS C 216 18.08 29.20 39.96
N LYS C 217 18.61 29.44 41.12
CA LYS C 217 17.73 29.62 42.33
C LYS C 217 17.09 30.99 42.31
N VAL C 218 15.75 31.02 42.46
CA VAL C 218 14.97 32.25 42.37
C VAL C 218 14.45 32.56 43.78
N GLU C 219 14.84 33.68 44.29
CA GLU C 219 14.20 34.19 45.55
C GLU C 219 14.05 35.66 45.51
N PRO C 220 13.10 36.22 46.31
CA PRO C 220 13.07 37.73 46.32
C PRO C 220 14.38 38.35 46.79
N LYS C 221 14.75 39.51 46.22
CA LYS C 221 16.08 40.11 46.46
C LYS C 221 16.36 40.46 47.95
N ASP D 1 -2.15 21.20 -8.62
CA ASP D 1 -2.30 19.73 -8.46
C ASP D 1 -3.54 19.48 -7.60
N ILE D 2 -3.82 18.22 -7.34
CA ILE D 2 -4.88 17.85 -6.40
C ILE D 2 -4.48 18.29 -4.97
N GLN D 3 -5.41 18.94 -4.28
CA GLN D 3 -5.19 19.47 -2.92
C GLN D 3 -6.44 19.21 -2.16
N MET D 4 -6.34 19.23 -0.83
CA MET D 4 -7.49 19.20 0.05
C MET D 4 -7.74 20.56 0.71
N THR D 5 -9.01 20.96 0.68
CA THR D 5 -9.45 22.27 1.19
C THR D 5 -10.17 22.02 2.47
N GLN D 6 -9.57 22.46 3.57
CA GLN D 6 -10.11 22.22 4.87
C GLN D 6 -10.93 23.43 5.38
N SER D 7 -12.09 23.21 5.94
CA SER D 7 -12.84 24.29 6.51
C SER D 7 -13.60 23.85 7.76
N PRO D 8 -13.87 24.79 8.72
CA PRO D 8 -13.32 26.15 8.81
C PRO D 8 -11.83 26.05 9.16
N SER D 9 -11.08 27.12 9.03
CA SER D 9 -9.67 27.13 9.44
C SER D 9 -9.54 27.18 10.99
N SER D 10 -10.58 27.67 11.69
CA SER D 10 -10.59 27.64 13.13
C SER D 10 -12.02 27.74 13.62
N LEU D 11 -12.22 27.28 14.83
CA LEU D 11 -13.49 27.31 15.54
C LEU D 11 -13.30 27.21 17.03
N SER D 12 -14.21 27.79 17.81
CA SER D 12 -14.31 27.49 19.21
C SER D 12 -15.61 26.85 19.50
N ALA D 13 -15.62 25.93 20.46
CA ALA D 13 -16.85 25.22 20.90
C ALA D 13 -16.81 24.81 22.37
N SER D 14 -17.99 24.66 23.03
CA SER D 14 -18.02 24.24 24.44
C SER D 14 -17.89 22.73 24.65
N VAL D 15 -17.52 22.36 25.86
CA VAL D 15 -17.37 21.00 26.31
C VAL D 15 -18.77 20.38 26.12
N GLY D 16 -18.84 19.28 25.36
CA GLY D 16 -20.11 18.61 25.09
C GLY D 16 -20.63 18.86 23.71
N ASP D 17 -20.21 19.95 23.08
CA ASP D 17 -20.65 20.23 21.71
C ASP D 17 -20.21 19.15 20.72
N ARG D 18 -20.99 19.01 19.63
CA ARG D 18 -20.63 18.19 18.48
C ARG D 18 -19.89 19.13 17.55
N VAL D 19 -18.69 18.74 17.10
CA VAL D 19 -17.96 19.55 16.14
C VAL D 19 -17.73 18.70 14.90
N THR D 20 -17.80 19.36 13.76
CA THR D 20 -17.53 18.71 12.51
C THR D 20 -16.60 19.58 11.67
N ILE D 21 -15.65 18.91 11.02
CA ILE D 21 -14.67 19.54 10.25
C ILE D 21 -14.68 18.86 8.88
N THR D 22 -14.43 19.63 7.82
CA THR D 22 -14.62 19.22 6.47
C THR D 22 -13.36 19.39 5.61
N CYS D 23 -13.15 18.44 4.74
CA CYS D 23 -12.00 18.37 3.86
CA CYS D 23 -12.03 18.46 3.81
C CYS D 23 -12.52 18.10 2.40
N ARG D 24 -12.21 18.98 1.45
CA ARG D 24 -12.68 18.88 0.04
C ARG D 24 -11.60 18.79 -0.97
N ALA D 25 -11.65 17.79 -1.86
CA ALA D 25 -10.63 17.75 -2.92
C ALA D 25 -10.72 19.02 -3.78
N SER D 26 -9.60 19.44 -4.32
CA SER D 26 -9.56 20.70 -5.05
C SER D 26 -10.25 20.52 -6.40
N GLN D 27 -10.19 19.33 -6.98
CA GLN D 27 -10.84 19.11 -8.28
C GLN D 27 -11.80 17.91 -8.36
N ASP D 28 -12.16 17.58 -9.60
CA ASP D 28 -12.81 16.32 -9.91
C ASP D 28 -11.73 15.21 -10.00
N ILE D 29 -12.07 14.06 -9.48
CA ILE D 29 -11.14 12.94 -9.56
C ILE D 29 -11.84 11.78 -10.28
N PRO D 30 -11.15 11.18 -11.26
CA PRO D 30 -11.79 10.01 -11.86
C PRO D 30 -12.42 9.06 -10.83
N ARG D 31 -13.61 8.62 -11.14
CA ARG D 31 -14.31 7.66 -10.32
C ARG D 31 -13.39 6.46 -10.00
N ARG D 32 -13.72 5.80 -8.89
CA ARG D 32 -12.99 4.63 -8.45
C ARG D 32 -11.54 4.86 -8.03
N ILE D 33 -10.99 6.08 -8.11
CA ILE D 33 -9.67 6.31 -7.52
C ILE D 33 -9.93 6.62 -6.04
N SER D 34 -9.35 5.84 -5.14
CA SER D 34 -9.55 6.06 -3.71
C SER D 34 -8.45 6.99 -3.21
N GLY D 35 -8.83 7.82 -2.24
CA GLY D 35 -7.89 8.74 -1.64
C GLY D 35 -7.44 8.35 -0.23
N TYR D 36 -8.00 7.29 0.34
CA TYR D 36 -7.67 6.79 1.66
C TYR D 36 -7.40 7.96 2.59
N VAL D 37 -8.44 8.73 2.84
CA VAL D 37 -8.25 9.96 3.65
C VAL D 37 -8.02 9.61 5.09
N ALA D 38 -7.01 10.27 5.70
CA ALA D 38 -6.68 10.11 7.09
C ALA D 38 -6.81 11.46 7.76
N TRP D 39 -7.07 11.40 9.05
CA TRP D 39 -7.16 12.55 9.93
C TRP D 39 -6.23 12.38 11.12
N TYR D 40 -5.53 13.49 11.44
CA TYR D 40 -4.58 13.55 12.52
C TYR D 40 -4.88 14.75 13.39
N GLN D 41 -4.49 14.61 14.65
CA GLN D 41 -4.64 15.61 15.65
C GLN D 41 -3.21 16.02 16.13
N GLN D 42 -2.97 17.31 16.22
CA GLN D 42 -1.70 17.78 16.71
C GLN D 42 -1.86 18.78 17.85
N LYS D 43 -1.32 18.42 18.99
CA LYS D 43 -1.23 19.31 20.16
C LYS D 43 0.13 20.04 20.21
N PRO D 44 0.19 21.15 20.94
CA PRO D 44 1.39 22.00 20.91
C PRO D 44 2.62 21.27 21.39
N GLY D 45 3.66 21.39 20.63
CA GLY D 45 4.92 20.77 21.06
C GLY D 45 4.97 19.27 20.80
N LYS D 46 3.95 18.72 20.14
CA LYS D 46 3.91 17.24 19.95
C LYS D 46 3.78 16.83 18.46
N ALA D 47 4.21 15.60 18.16
CA ALA D 47 3.92 15.05 16.86
C ALA D 47 2.40 14.82 16.61
N PRO D 48 1.96 14.91 15.35
CA PRO D 48 0.58 14.52 15.00
C PRO D 48 0.30 13.11 15.49
N LYS D 49 -0.96 12.88 15.90
CA LYS D 49 -1.49 11.58 16.26
C LYS D 49 -2.56 11.13 15.27
N LEU D 50 -2.51 9.87 14.84
CA LEU D 50 -3.52 9.35 13.89
C LEU D 50 -4.80 9.15 14.62
N LEU D 51 -5.89 9.67 14.02
CA LEU D 51 -7.25 9.46 14.57
C LEU D 51 -8.03 8.47 13.71
N ILE D 52 -8.04 8.75 12.41
CA ILE D 52 -8.91 8.04 11.45
C ILE D 52 -8.09 7.70 10.21
N TYR D 53 -8.25 6.47 9.66
CA TYR D 53 -7.60 6.11 8.41
C TYR D 53 -8.62 5.47 7.48
N TRP D 54 -8.29 5.51 6.20
CA TRP D 54 -9.11 4.99 5.10
C TRP D 54 -10.52 5.53 5.21
N GLY D 55 -10.63 6.85 5.38
CA GLY D 55 -11.95 7.49 5.46
C GLY D 55 -12.68 7.40 6.76
N SER D 56 -12.87 6.21 7.30
CA SER D 56 -13.82 6.00 8.38
C SER D 56 -13.36 5.03 9.42
N TYR D 57 -12.13 4.48 9.35
CA TYR D 57 -11.72 3.54 10.36
C TYR D 57 -11.07 4.26 11.56
N LEU D 58 -11.52 3.90 12.76
CA LEU D 58 -11.03 4.50 13.99
C LEU D 58 -9.76 3.82 14.32
N TYR D 59 -8.69 4.58 14.47
CA TYR D 59 -7.44 3.98 14.86
C TYR D 59 -7.47 3.47 16.32
N SER D 60 -6.83 2.34 16.51
CA SER D 60 -6.78 1.72 17.82
C SER D 60 -6.29 2.64 18.93
N GLY D 61 -7.11 2.74 19.98
CA GLY D 61 -6.82 3.46 21.19
C GLY D 61 -7.39 4.87 21.15
N VAL D 62 -8.03 5.27 20.04
CA VAL D 62 -8.57 6.62 19.89
C VAL D 62 -9.94 6.58 20.48
N PRO D 63 -10.30 7.63 21.22
CA PRO D 63 -11.65 7.67 21.77
C PRO D 63 -12.78 7.61 20.74
N SER D 64 -13.89 6.94 21.11
CA SER D 64 -15.00 6.73 20.19
C SER D 64 -15.77 7.98 19.82
N ARG D 65 -15.59 9.09 20.55
CA ARG D 65 -16.18 10.34 20.10
C ARG D 65 -15.65 10.87 18.77
N PHE D 66 -14.49 10.38 18.29
CA PHE D 66 -13.98 10.76 16.97
C PHE D 66 -14.51 9.82 15.87
N SER D 67 -15.03 10.33 14.79
CA SER D 67 -15.41 9.47 13.68
C SER D 67 -15.20 10.18 12.42
N GLY D 68 -14.97 9.44 11.33
CA GLY D 68 -14.85 10.04 10.05
C GLY D 68 -15.83 9.48 9.01
N SER D 69 -16.11 10.27 7.98
CA SER D 69 -17.01 9.82 6.92
C SER D 69 -16.62 10.48 5.63
N GLY D 70 -17.14 9.97 4.51
CA GLY D 70 -16.78 10.50 3.25
C GLY D 70 -17.91 10.20 2.30
N SER D 71 -17.99 11.04 1.28
CA SER D 71 -18.97 10.87 0.24
C SER D 71 -18.56 11.72 -0.92
N GLY D 72 -18.22 11.05 -2.01
CA GLY D 72 -17.62 11.67 -3.17
C GLY D 72 -16.21 12.12 -2.83
N THR D 73 -16.02 13.43 -2.89
CA THR D 73 -14.76 14.05 -2.70
C THR D 73 -14.84 15.08 -1.53
N ASP D 74 -15.83 14.86 -0.66
CA ASP D 74 -15.97 15.59 0.57
C ASP D 74 -15.77 14.64 1.74
N PHE D 75 -14.91 15.02 2.70
CA PHE D 75 -14.68 14.19 3.89
C PHE D 75 -14.93 14.98 5.17
N THR D 76 -15.42 14.31 6.17
CA THR D 76 -15.71 14.93 7.40
C THR D 76 -15.10 14.21 8.58
N LEU D 77 -14.50 14.99 9.49
CA LEU D 77 -14.23 14.52 10.83
C LEU D 77 -15.27 15.05 11.83
N THR D 78 -15.76 14.20 12.68
CA THR D 78 -16.71 14.59 13.68
C THR D 78 -16.26 14.23 15.09
N ILE D 79 -16.30 15.22 15.97
CA ILE D 79 -16.10 14.97 17.38
C ILE D 79 -17.47 15.10 18.03
N SER D 80 -17.97 14.01 18.63
CA SER D 80 -19.38 13.93 19.01
C SER D 80 -19.70 14.77 20.25
N SER D 81 -18.77 14.77 21.21
CA SER D 81 -18.92 15.43 22.51
C SER D 81 -17.52 16.03 22.96
N LEU D 82 -17.25 17.22 22.48
CA LEU D 82 -15.96 17.93 22.71
C LEU D 82 -15.52 18.01 24.16
N GLN D 83 -14.27 17.56 24.41
CA GLN D 83 -13.67 17.58 25.74
C GLN D 83 -12.55 18.65 25.82
N PRO D 84 -12.18 19.10 27.05
CA PRO D 84 -11.15 20.20 27.09
C PRO D 84 -9.81 19.71 26.46
N GLU D 85 -9.52 18.42 26.59
CA GLU D 85 -8.29 17.87 26.01
C GLU D 85 -8.28 17.83 24.49
N ASP D 86 -9.38 18.16 23.82
CA ASP D 86 -9.45 18.17 22.38
C ASP D 86 -8.97 19.46 21.67
N PHE D 87 -8.54 20.45 22.47
CA PHE D 87 -7.84 21.56 21.91
C PHE D 87 -6.63 21.03 21.08
N ALA D 88 -6.59 21.38 19.81
CA ALA D 88 -5.59 20.90 18.87
C ALA D 88 -5.78 21.51 17.52
N THR D 89 -4.87 21.25 16.61
CA THR D 89 -5.07 21.47 15.22
C THR D 89 -5.24 20.11 14.53
N TYR D 90 -6.32 20.02 13.77
CA TYR D 90 -6.71 18.81 13.03
C TYR D 90 -6.37 18.96 11.57
N TYR D 91 -5.84 17.90 10.97
CA TYR D 91 -5.40 17.91 9.63
C TYR D 91 -5.97 16.67 8.90
N CYS D 92 -6.44 16.85 7.68
CA CYS D 92 -6.76 15.71 6.81
C CYS D 92 -5.62 15.49 5.91
N GLN D 93 -5.57 14.28 5.36
CA GLN D 93 -4.51 13.92 4.44
C GLN D 93 -5.07 13.05 3.31
N GLN D 94 -4.71 13.38 2.08
CA GLN D 94 -5.13 12.63 0.91
C GLN D 94 -4.03 11.84 0.22
N HIS D 95 -4.39 10.64 -0.25
CA HIS D 95 -3.47 9.77 -0.98
C HIS D 95 -3.97 9.39 -2.37
N TYR D 96 -4.85 10.19 -2.96
CA TYR D 96 -4.97 10.15 -4.45
C TYR D 96 -3.61 10.26 -5.12
N THR D 97 -2.81 11.25 -4.71
CA THR D 97 -1.52 11.49 -5.32
C THR D 97 -0.42 10.92 -4.53
N THR D 98 0.67 10.72 -5.22
CA THR D 98 1.96 10.52 -4.64
C THR D 98 2.91 11.60 -5.17
N PRO D 99 3.44 12.46 -4.28
CA PRO D 99 3.27 12.44 -2.84
C PRO D 99 1.86 12.76 -2.40
N PRO D 100 1.46 12.28 -1.22
CA PRO D 100 0.18 12.65 -0.71
C PRO D 100 0.32 14.09 -0.14
N THR D 101 -0.81 14.71 0.20
CA THR D 101 -0.87 16.09 0.76
C THR D 101 -1.81 16.24 1.92
N PHE D 102 -1.51 17.26 2.74
CA PHE D 102 -2.32 17.53 3.87
C PHE D 102 -3.24 18.74 3.61
N GLY D 103 -4.40 18.70 4.24
CA GLY D 103 -5.23 19.85 4.47
C GLY D 103 -4.44 20.96 5.21
N GLN D 104 -4.90 22.21 5.14
CA GLN D 104 -4.10 23.28 5.76
C GLN D 104 -4.32 23.35 7.29
N GLY D 105 -5.29 22.59 7.80
CA GLY D 105 -5.51 22.47 9.20
C GLY D 105 -6.68 23.26 9.78
N THR D 106 -7.29 22.72 10.80
CA THR D 106 -8.35 23.41 11.55
C THR D 106 -7.99 23.52 13.02
N LYS D 107 -7.89 24.76 13.53
CA LYS D 107 -7.60 24.97 14.97
C LYS D 107 -8.86 25.00 15.78
N VAL D 108 -9.01 24.02 16.67
CA VAL D 108 -10.11 23.89 17.59
C VAL D 108 -9.73 24.42 18.97
N GLU D 109 -10.45 25.47 19.40
CA GLU D 109 -10.38 26.00 20.72
C GLU D 109 -11.65 25.70 21.50
N ILE D 110 -11.47 25.51 22.79
CA ILE D 110 -12.53 25.25 23.76
C ILE D 110 -13.08 26.58 24.36
N LYS D 111 -14.41 26.77 24.24
CA LYS D 111 -15.12 27.97 24.74
C LYS D 111 -15.44 27.62 26.16
N ARG D 112 -15.12 28.50 27.12
CA ARG D 112 -15.43 28.21 28.54
C ARG D 112 -15.87 29.52 29.17
N THR D 113 -16.16 29.50 30.46
CA THR D 113 -16.67 30.71 31.14
C THR D 113 -15.55 31.71 31.30
N VAL D 114 -15.94 32.96 31.38
CA VAL D 114 -14.97 34.06 31.61
C VAL D 114 -14.20 33.85 32.91
N ALA D 115 -12.86 34.04 32.86
CA ALA D 115 -12.04 33.93 34.05
C ALA D 115 -11.02 35.10 33.98
N ALA D 116 -11.03 35.93 34.98
CA ALA D 116 -10.18 37.12 35.01
C ALA D 116 -8.75 36.67 35.30
N PRO D 117 -7.75 37.42 34.75
CA PRO D 117 -6.37 37.04 35.11
C PRO D 117 -5.98 37.47 36.51
N SER D 118 -5.10 36.69 37.10
CA SER D 118 -4.30 37.15 38.20
C SER D 118 -3.06 37.82 37.64
N VAL D 119 -2.68 38.93 38.24
CA VAL D 119 -1.64 39.81 37.66
C VAL D 119 -0.46 39.95 38.61
N PHE D 120 0.76 39.88 38.06
CA PHE D 120 2.01 39.98 38.87
C PHE D 120 3.02 40.81 38.05
N ILE D 121 3.76 41.64 38.74
CA ILE D 121 4.89 42.37 38.14
C ILE D 121 6.23 41.97 38.77
N PHE D 122 7.28 41.88 37.92
CA PHE D 122 8.63 41.53 38.34
C PHE D 122 9.64 42.59 37.94
N PRO D 123 10.43 43.11 38.89
CA PRO D 123 11.47 44.05 38.56
C PRO D 123 12.64 43.34 37.83
N PRO D 124 13.51 44.08 37.21
CA PRO D 124 14.73 43.51 36.62
C PRO D 124 15.69 43.12 37.73
N SER D 125 16.54 42.14 37.42
CA SER D 125 17.57 41.66 38.43
C SER D 125 18.78 42.58 38.38
N ASP D 126 19.51 42.74 39.51
CA ASP D 126 20.74 43.51 39.49
C ASP D 126 21.76 42.88 38.55
N GLU D 127 21.76 41.56 38.46
CA GLU D 127 22.62 40.83 37.49
C GLU D 127 22.43 41.28 36.07
N GLN D 128 21.18 41.40 35.60
CA GLN D 128 20.96 41.88 34.27
C GLN D 128 21.38 43.34 34.10
N LEU D 129 21.06 44.17 35.07
CA LEU D 129 21.34 45.63 34.99
C LEU D 129 22.83 45.94 34.69
N LYS D 130 23.67 45.13 35.31
CA LYS D 130 25.12 45.17 35.09
C LYS D 130 25.47 45.10 33.64
N SER D 131 24.75 44.28 32.88
CA SER D 131 25.01 44.11 31.49
C SER D 131 24.55 45.27 30.61
N GLY D 132 23.77 46.22 31.15
CA GLY D 132 23.34 47.39 30.42
C GLY D 132 21.86 47.46 30.10
N THR D 133 21.08 46.47 30.56
CA THR D 133 19.67 46.32 30.06
C THR D 133 18.82 45.96 31.25
N ALA D 134 17.60 46.43 31.23
CA ALA D 134 16.62 46.11 32.26
C ALA D 134 15.37 45.53 31.58
N SER D 135 15.00 44.30 31.90
CA SER D 135 13.71 43.72 31.46
C SER D 135 12.75 43.76 32.63
N VAL D 136 11.54 44.29 32.38
CA VAL D 136 10.49 44.31 33.44
C VAL D 136 9.38 43.43 32.88
N VAL D 137 8.91 42.51 33.68
CA VAL D 137 7.94 41.54 33.24
C VAL D 137 6.62 41.66 33.98
N CYS D 138 5.52 41.57 33.23
CA CYS D 138 4.18 41.53 33.76
C CYS D 138 3.54 40.20 33.32
N LEU D 139 2.99 39.47 34.28
CA LEU D 139 2.32 38.20 34.04
C LEU D 139 0.84 38.32 34.28
N LEU D 140 0.07 37.80 33.32
CA LEU D 140 -1.38 37.60 33.43
C LEU D 140 -1.62 36.14 33.46
N ASN D 141 -2.10 35.61 34.58
CA ASN D 141 -2.23 34.17 34.74
C ASN D 141 -3.66 33.59 34.71
N ASN D 142 -3.85 32.52 33.90
CA ASN D 142 -5.05 31.63 33.90
C ASN D 142 -6.36 32.37 33.65
N PHE D 143 -6.49 32.94 32.49
CA PHE D 143 -7.62 33.74 32.13
C PHE D 143 -8.28 33.24 30.84
N TYR D 144 -9.52 33.69 30.67
CA TYR D 144 -10.30 33.34 29.48
C TYR D 144 -11.32 34.45 29.29
N PRO D 145 -11.51 35.01 28.07
CA PRO D 145 -10.93 34.69 26.75
C PRO D 145 -9.51 35.21 26.62
N ARG D 146 -8.91 34.85 25.49
CA ARG D 146 -7.48 35.12 25.23
C ARG D 146 -7.17 36.59 25.14
N GLU D 147 -8.13 37.40 24.67
CA GLU D 147 -7.91 38.79 24.44
C GLU D 147 -7.67 39.54 25.73
N ALA D 148 -6.62 40.35 25.76
CA ALA D 148 -6.30 41.17 26.97
C ALA D 148 -5.46 42.34 26.53
N LYS D 149 -5.37 43.35 27.35
CA LYS D 149 -4.63 44.57 27.02
C LYS D 149 -3.75 44.89 28.20
N VAL D 150 -2.47 45.05 27.92
CA VAL D 150 -1.50 45.44 28.91
C VAL D 150 -0.89 46.76 28.55
N GLN D 151 -0.91 47.69 29.47
CA GLN D 151 -0.29 48.96 29.26
C GLN D 151 0.80 49.19 30.30
N TRP D 152 1.95 49.61 29.84
CA TRP D 152 3.11 49.90 30.72
C TRP D 152 3.23 51.41 30.93
N LYS D 153 3.45 51.79 32.17
CA LYS D 153 3.84 53.14 32.49
C LYS D 153 5.11 53.20 33.37
N VAL D 154 5.94 54.20 33.08
CA VAL D 154 7.21 54.49 33.82
C VAL D 154 7.16 55.93 34.25
N ASP D 155 6.97 56.15 35.55
CA ASP D 155 6.69 57.47 36.14
C ASP D 155 5.57 58.17 35.36
N ASN D 156 4.50 57.36 35.15
CA ASN D 156 3.29 57.73 34.46
C ASN D 156 3.46 58.06 32.99
N ALA D 157 4.61 57.75 32.38
CA ALA D 157 4.83 57.84 30.94
C ALA D 157 4.41 56.53 30.25
N LEU D 158 3.41 56.60 29.38
CA LEU D 158 2.92 55.43 28.64
C LEU D 158 4.06 54.95 27.74
N GLN D 159 4.38 53.68 27.80
CA GLN D 159 5.43 53.08 26.98
C GLN D 159 4.88 52.48 25.73
N SER D 160 5.35 52.92 24.58
CA SER D 160 4.81 52.44 23.32
C SER D 160 5.90 51.98 22.41
N GLY D 161 5.90 50.70 22.06
CA GLY D 161 6.87 50.20 21.06
C GLY D 161 8.06 49.46 21.64
N ASN D 162 8.21 49.46 22.96
CA ASN D 162 9.35 48.81 23.62
C ASN D 162 8.96 47.61 24.53
N SER D 163 7.88 46.98 24.19
CA SER D 163 7.44 45.73 24.87
C SER D 163 7.06 44.66 23.90
N GLN D 164 7.14 43.42 24.36
CA GLN D 164 6.68 42.29 23.60
C GLN D 164 5.88 41.36 24.44
N GLU D 165 4.89 40.71 23.83
CA GLU D 165 3.99 39.77 24.51
C GLU D 165 4.15 38.36 24.01
N SER D 166 3.95 37.41 24.91
CA SER D 166 3.85 35.99 24.61
C SER D 166 2.63 35.40 25.27
N VAL D 167 1.89 34.51 24.61
CA VAL D 167 0.70 33.88 25.17
C VAL D 167 0.84 32.39 25.06
N THR D 168 0.52 31.70 26.13
CA THR D 168 0.63 30.24 26.18
C THR D 168 -0.48 29.66 25.29
N GLU D 169 -0.32 28.41 24.88
CA GLU D 169 -1.40 27.71 24.24
C GLU D 169 -2.49 27.40 25.26
N GLN D 170 -3.71 27.20 24.75
CA GLN D 170 -4.83 26.90 25.65
C GLN D 170 -4.52 25.71 26.51
N ASP D 171 -4.78 25.83 27.79
CA ASP D 171 -4.55 24.74 28.71
C ASP D 171 -5.46 23.54 28.40
N SER D 172 -4.90 22.33 28.40
CA SER D 172 -5.65 21.15 27.96
C SER D 172 -6.61 20.65 29.04
N LYS D 173 -6.42 21.12 30.29
CA LYS D 173 -7.35 20.77 31.42
C LYS D 173 -8.35 21.85 31.82
N ASP D 174 -7.93 23.12 31.95
CA ASP D 174 -8.83 24.21 32.41
C ASP D 174 -9.22 25.21 31.34
N SER D 175 -8.69 25.02 30.16
CA SER D 175 -9.03 25.83 28.99
C SER D 175 -8.68 27.34 29.10
N THR D 176 -7.79 27.68 30.01
CA THR D 176 -7.32 29.08 30.13
C THR D 176 -6.04 29.34 29.34
N TYR D 177 -5.70 30.61 29.33
CA TYR D 177 -4.44 31.13 28.76
C TYR D 177 -3.68 31.85 29.85
N SER D 178 -2.35 31.96 29.68
CA SER D 178 -1.59 32.96 30.43
C SER D 178 -0.77 33.80 29.46
N LEU D 179 -0.34 34.99 29.87
CA LEU D 179 0.30 35.94 28.97
C LEU D 179 1.42 36.68 29.74
N SER D 180 2.52 36.93 29.05
CA SER D 180 3.57 37.73 29.60
C SER D 180 3.72 38.96 28.72
N SER D 181 4.08 40.07 29.35
CA SER D 181 4.46 41.26 28.64
C SER D 181 5.77 41.67 29.19
N THR D 182 6.74 41.87 28.30
CA THR D 182 8.11 42.26 28.75
C THR D 182 8.50 43.61 28.21
N LEU D 183 8.84 44.52 29.10
CA LEU D 183 9.27 45.89 28.76
C LEU D 183 10.80 45.94 28.83
N THR D 184 11.41 46.43 27.73
CA THR D 184 12.85 46.56 27.72
C THR D 184 13.27 47.97 27.81
N LEU D 185 14.16 48.23 28.76
CA LEU D 185 14.78 49.57 28.91
C LEU D 185 16.30 49.47 29.01
N SER D 186 17.00 50.55 28.64
CA SER D 186 18.45 50.58 28.91
C SER D 186 18.64 50.65 30.42
N LYS D 187 19.81 50.27 30.89
CA LYS D 187 20.06 50.51 32.28
C LYS D 187 20.07 52.02 32.64
N ALA D 188 20.63 52.85 31.76
CA ALA D 188 20.58 54.33 31.98
C ALA D 188 19.12 54.86 32.21
N ASP D 189 18.21 54.42 31.35
CA ASP D 189 16.80 54.84 31.40
C ASP D 189 16.14 54.27 32.66
N TYR D 190 16.39 53.01 33.02
CA TYR D 190 15.77 52.43 34.17
C TYR D 190 16.16 53.17 35.43
N GLU D 191 17.42 53.54 35.48
CA GLU D 191 18.01 54.18 36.65
C GLU D 191 17.50 55.63 36.84
N LYS D 192 16.96 56.24 35.78
CA LYS D 192 16.38 57.61 35.79
C LYS D 192 14.98 57.66 36.34
N HIS D 193 14.29 56.52 36.47
CA HIS D 193 12.90 56.52 36.90
C HIS D 193 12.58 55.63 38.08
N LYS D 194 11.43 55.94 38.66
CA LYS D 194 11.02 55.35 39.90
C LYS D 194 9.88 54.33 39.83
N VAL D 195 8.69 54.75 39.35
CA VAL D 195 7.50 53.94 39.41
C VAL D 195 7.31 53.15 38.10
N TYR D 196 7.27 51.83 38.23
CA TYR D 196 7.10 50.93 37.11
C TYR D 196 5.77 50.21 37.30
N ALA D 197 4.88 50.37 36.33
CA ALA D 197 3.56 49.84 36.47
C ALA D 197 3.04 49.15 35.20
N CYS D 198 2.36 48.06 35.42
CA CYS D 198 1.61 47.32 34.42
CA CYS D 198 1.55 47.46 34.33
C CYS D 198 0.09 47.43 34.71
N GLU D 199 -0.71 47.87 33.75
CA GLU D 199 -2.18 47.97 33.88
C GLU D 199 -2.83 47.03 32.86
N VAL D 200 -3.70 46.16 33.37
CA VAL D 200 -4.30 45.07 32.64
C VAL D 200 -5.83 45.32 32.54
N THR D 201 -6.31 45.26 31.32
CA THR D 201 -7.77 45.33 31.03
C THR D 201 -8.15 44.00 30.42
N HIS D 202 -9.27 43.44 30.88
CA HIS D 202 -9.70 42.12 30.43
C HIS D 202 -11.23 42.03 30.73
N GLN D 203 -11.93 41.22 29.93
CA GLN D 203 -13.40 41.08 30.07
C GLN D 203 -13.81 40.67 31.47
N GLY D 204 -13.01 39.80 32.08
CA GLY D 204 -13.21 39.36 33.43
C GLY D 204 -13.03 40.36 34.56
N LEU D 205 -12.44 41.51 34.29
CA LEU D 205 -12.20 42.55 35.32
C LEU D 205 -13.16 43.72 35.10
N SER D 206 -13.93 44.09 36.14
CA SER D 206 -14.85 45.27 36.06
C SER D 206 -14.14 46.56 35.77
N SER D 207 -12.93 46.69 36.30
CA SER D 207 -12.06 47.80 35.93
C SER D 207 -10.58 47.35 35.88
N PRO D 208 -9.72 48.15 35.27
CA PRO D 208 -8.36 47.61 35.08
C PRO D 208 -7.63 47.38 36.38
N VAL D 209 -6.75 46.35 36.38
CA VAL D 209 -5.91 46.01 37.50
C VAL D 209 -4.50 46.56 37.22
N THR D 210 -3.93 47.27 38.18
CA THR D 210 -2.58 47.81 38.04
C THR D 210 -1.67 47.20 39.11
N LYS D 211 -0.53 46.65 38.68
CA LYS D 211 0.51 46.20 39.60
C LYS D 211 1.76 47.04 39.36
N SER D 212 2.39 47.50 40.42
CA SER D 212 3.59 48.31 40.34
C SER D 212 4.67 47.97 41.34
N PHE D 213 5.87 48.48 41.06
CA PHE D 213 6.93 48.57 42.05
C PHE D 213 7.66 49.88 41.87
N ASN D 214 8.37 50.34 42.89
CA ASN D 214 9.28 51.45 42.78
C ASN D 214 10.73 50.98 42.78
N ARG D 215 11.50 51.47 41.84
CA ARG D 215 12.88 51.08 41.72
C ARG D 215 13.59 51.44 43.03
N GLY D 216 14.38 50.50 43.52
CA GLY D 216 15.20 50.72 44.69
C GLY D 216 14.42 50.69 45.98
N GLU D 217 13.17 50.22 45.96
CA GLU D 217 12.39 50.08 47.21
C GLU D 217 12.88 48.86 48.00
N CYS D 218 13.54 47.93 47.30
CA CYS D 218 14.26 46.75 47.84
C CYS D 218 15.01 46.89 49.20
C1 EDO E . -8.08 -31.44 -19.32
O1 EDO E . -9.01 -31.38 -18.23
C2 EDO E . -8.01 -30.05 -19.96
O2 EDO E . -8.86 -29.72 -21.12
C1 EDO F . -7.84 -52.51 -37.65
O1 EDO F . -6.85 -53.38 -37.07
C2 EDO F . -9.10 -52.55 -36.84
O2 EDO F . -9.98 -53.64 -37.24
C1 EDO G . 0.36 -18.24 -33.83
O1 EDO G . -0.24 -17.05 -34.36
C2 EDO G . -0.38 -19.49 -34.32
O2 EDO G . -0.38 -19.55 -35.77
C1 EDO H . 10.74 27.16 23.78
O1 EDO H . 11.89 26.86 23.06
C2 EDO H . 9.54 27.37 22.79
O2 EDO H . 9.42 28.62 22.03
#